data_2X97
#
_entry.id   2X97
#
_cell.length_a   173.085
_cell.length_b   173.085
_cell.length_c   101.904
_cell.angle_alpha   90.00
_cell.angle_beta   90.00
_cell.angle_gamma   120.00
#
_symmetry.space_group_name_H-M   'H 3'
#
loop_
_entity.id
_entity.type
_entity.pdbx_description
1 polymer 'ANGIOTENSIN CONVERTING ENZYME'
2 branched beta-D-mannopyranose-(1-6)-alpha-D-mannopyranose-(1-3)-[alpha-D-mannopyranose-(1-6)]beta-D-mannopyranose-(1-4)-2-acetamido-2-deoxy-beta-D-glucopyranose-(1-4)-2-acetamido-2-deoxy-beta-D-glucopyranose
3 non-polymer N~2~-acetyl-N-{(1R)-1-[(S)-[(2S)-3-{[(2S)-1-amino-1-oxopropan-2-yl]amino}-2-methyl-3-oxopropyl](hydroxy)phosphoryl]-2-phenylethyl}-L-alpha-asparagine
4 non-polymer 'ZINC ION'
5 non-polymer 2-acetamido-2-deoxy-beta-D-glucopyranose
6 water water
#
_entity_poly.entity_id   1
_entity_poly.type   'polypeptide(L)'
_entity_poly.pdbx_seq_one_letter_code
;ALVKEEIQAKEYLENLNKELAKRTNVETEAAWAYGSNITDENEKKKNEISAELAKFMKEVASDTTKFQWRSYQSEDLKRQ
FKALTKLGYAALPEDDYAELLDTLSAMESNFAKVKVCDYKDSTKCDLALDPEIEEVISKSRDHEELAYYWREFYDKAGTA
VRSQFERYVELNTKAAKLNNFTSGAEAWLDEYEDDTFEQQLEDIFADIRPLYQQIHGYVRFRLRKHYGDAVVSETGPIPM
HLLGNMWAQQWSEIADIVSPFPEKPLVDVSAEMEKQGYTPLKMFQMGDDFFTSMNLTKLPQDFWDKSIIEKPTDGRDLVC
HASAWDFYLTDDVRIKQCTRVTQDQLFTVHHELGHIQYFLQYQHQPFVYRTGANPGFHEAVGDVLSLSVSTPKHLEKIGL
LKDYVRDDEARINQLFLTALDKIVFLPFAFTMDKYRWSLFRGEVDKANWNCAFWKLRDEYSGIEPPVVRSEKDFDAPAKY
HISADVEYLRYLVSFIIQFQFYKSACIKAGQYDPDNVELPLDNCDIYGSAAAGAAFHNMLSMGASKPWPDALEAFNGERI
MSGKAIAEYFEPLRVWLEAENIKNNVHIGWTTSNKCVS
;
_entity_poly.pdbx_strand_id   A
#
loop_
_chem_comp.id
_chem_comp.type
_chem_comp.name
_chem_comp.formula
BMA D-saccharide, beta linking beta-D-mannopyranose 'C6 H12 O6'
MAN D-saccharide, alpha linking alpha-D-mannopyranose 'C6 H12 O6'
NAG D-saccharide, beta linking 2-acetamido-2-deoxy-beta-D-glucopyranose 'C8 H15 N O6'
RX4 peptide-like N~2~-acetyl-N-{(1R)-1-[(S)-[(2S)-3-{[(2S)-1-amino-1-oxopropan-2-yl]amino}-2-methyl-3-oxopropyl](hydroxy)phosphoryl]-2-phenylethyl}-L-alpha-asparagine 'C21 H31 N4 O8 P'
ZN non-polymer 'ZINC ION' 'Zn 2'
#
# COMPACT_ATOMS: atom_id res chain seq x y z
N ALA A 1 -21.27 -19.22 38.11
CA ALA A 1 -21.69 -20.04 36.92
C ALA A 1 -21.60 -19.18 35.63
N LEU A 2 -21.73 -19.88 34.50
CA LEU A 2 -21.27 -19.36 33.20
C LEU A 2 -22.26 -18.40 32.58
N VAL A 3 -23.56 -18.66 32.80
CA VAL A 3 -24.62 -17.83 32.26
C VAL A 3 -24.50 -16.42 32.86
N LYS A 4 -24.24 -16.36 34.16
CA LYS A 4 -24.15 -15.07 34.83
C LYS A 4 -22.86 -14.39 34.41
N GLU A 5 -21.80 -15.18 34.29
CA GLU A 5 -20.50 -14.59 33.97
C GLU A 5 -20.55 -13.93 32.56
N GLU A 6 -21.19 -14.61 31.61
CA GLU A 6 -21.26 -14.13 30.22
C GLU A 6 -22.02 -12.76 30.14
N ILE A 7 -23.06 -12.62 30.96
CA ILE A 7 -23.77 -11.33 31.10
C ILE A 7 -22.83 -10.30 31.67
N GLN A 8 -22.07 -10.67 32.71
CA GLN A 8 -21.08 -9.72 33.26
C GLN A 8 -19.96 -9.36 32.23
N ALA A 9 -19.51 -10.36 31.46
CA ALA A 9 -18.45 -10.15 30.45
C ALA A 9 -18.90 -9.15 29.35
N LYS A 10 -20.14 -9.27 28.90
CA LYS A 10 -20.73 -8.32 27.92
C LYS A 10 -20.64 -6.84 28.41
N GLU A 11 -20.99 -6.58 29.68
CA GLU A 11 -20.80 -5.23 30.26
C GLU A 11 -19.37 -4.92 30.42
N TYR A 12 -18.55 -5.91 30.78
CA TYR A 12 -17.13 -5.62 30.87
C TYR A 12 -16.56 -5.13 29.51
N LEU A 13 -16.90 -5.80 28.43
CA LEU A 13 -16.39 -5.42 27.10
C LEU A 13 -16.93 -4.07 26.64
N GLU A 14 -18.22 -3.85 26.88
CA GLU A 14 -18.81 -2.57 26.47
C GLU A 14 -18.02 -1.41 27.08
N ASN A 15 -17.64 -1.47 28.37
CA ASN A 15 -16.88 -0.37 28.96
CA ASN A 15 -16.83 -0.38 29.04
C ASN A 15 -15.41 -0.31 28.51
N LEU A 16 -14.78 -1.48 28.43
CA LEU A 16 -13.39 -1.56 28.10
C LEU A 16 -13.19 -1.01 26.64
N ASN A 17 -14.05 -1.41 25.72
CA ASN A 17 -13.95 -0.89 24.30
C ASN A 17 -13.92 0.66 24.32
N LYS A 18 -14.78 1.25 25.13
CA LYS A 18 -14.87 2.71 25.17
C LYS A 18 -13.67 3.32 25.76
N GLU A 19 -13.13 2.67 26.79
CA GLU A 19 -11.90 3.13 27.38
C GLU A 19 -10.73 2.97 26.38
N LEU A 20 -10.69 1.86 25.67
CA LEU A 20 -9.57 1.72 24.71
C LEU A 20 -9.64 2.78 23.57
N ALA A 21 -10.83 3.07 23.08
CA ALA A 21 -11.01 4.08 21.99
C ALA A 21 -10.46 5.43 22.50
N LYS A 22 -10.83 5.77 23.75
CA LYS A 22 -10.36 7.01 24.34
C LYS A 22 -8.83 7.08 24.60
N ARG A 23 -8.22 6.00 25.10
CA ARG A 23 -6.80 5.96 25.32
C ARG A 23 -6.11 5.91 23.96
N THR A 24 -6.72 5.27 22.99
CA THR A 24 -6.05 5.20 21.68
C THR A 24 -6.12 6.57 20.97
N ASN A 25 -7.24 7.27 21.13
CA ASN A 25 -7.30 8.70 20.73
C ASN A 25 -6.11 9.53 21.15
N VAL A 26 -5.72 9.47 22.43
CA VAL A 26 -4.59 10.19 22.91
C VAL A 26 -3.27 9.72 22.27
N GLU A 27 -3.11 8.41 22.08
CA GLU A 27 -1.86 7.92 21.49
C GLU A 27 -1.81 8.36 20.00
N THR A 28 -2.95 8.29 19.32
CA THR A 28 -3.00 8.67 17.91
C THR A 28 -2.71 10.15 17.71
N GLU A 29 -3.21 11.01 18.61
CA GLU A 29 -2.87 12.45 18.51
C GLU A 29 -1.42 12.69 18.65
N ALA A 30 -0.76 12.04 19.61
CA ALA A 30 0.71 12.17 19.65
C ALA A 30 1.47 11.66 18.36
N ALA A 31 0.99 10.58 17.75
CA ALA A 31 1.69 9.95 16.56
C ALA A 31 1.48 10.93 15.37
N TRP A 32 0.27 11.46 15.28
CA TRP A 32 -0.11 12.51 14.27
C TRP A 32 0.77 13.76 14.41
N ALA A 33 0.93 14.27 15.65
CA ALA A 33 1.78 15.42 15.89
C ALA A 33 3.20 15.18 15.42
N TYR A 34 3.70 13.97 15.62
CA TYR A 34 5.10 13.76 15.31
C TYR A 34 5.30 13.61 13.79
N GLY A 35 4.36 12.91 13.14
CA GLY A 35 4.40 12.68 11.70
C GLY A 35 4.24 13.99 10.95
N SER A 36 3.56 14.96 11.58
CA SER A 36 3.27 16.28 11.01
C SER A 36 4.39 17.22 11.28
N ASN A 37 5.19 16.94 12.30
CA ASN A 37 6.21 17.85 12.75
C ASN A 37 7.29 17.10 13.54
N ILE A 38 8.30 16.60 12.84
CA ILE A 38 9.28 15.78 13.48
C ILE A 38 10.25 16.59 14.30
N THR A 39 10.20 16.40 15.62
CA THR A 39 11.13 17.04 16.53
C THR A 39 11.42 16.10 17.70
N ASP A 40 12.53 16.35 18.39
CA ASP A 40 12.91 15.56 19.57
C ASP A 40 11.82 15.59 20.61
N GLU A 41 11.15 16.73 20.72
CA GLU A 41 10.13 16.83 21.73
C GLU A 41 8.88 16.05 21.36
N ASN A 42 8.47 16.07 20.09
CA ASN A 42 7.30 15.30 19.71
C ASN A 42 7.55 13.77 19.65
N GLU A 43 8.77 13.39 19.29
CA GLU A 43 9.25 11.98 19.42
C GLU A 43 9.01 11.40 20.84
N LYS A 44 9.55 12.12 21.83
CA LYS A 44 9.40 11.78 23.25
C LYS A 44 7.92 11.65 23.61
N LYS A 45 7.10 12.60 23.16
CA LYS A 45 5.74 12.61 23.55
C LYS A 45 4.99 11.45 22.90
N LYS A 46 5.27 11.18 21.62
CA LYS A 46 4.67 10.02 20.94
C LYS A 46 5.02 8.72 21.70
N ASN A 47 6.31 8.54 21.99
CA ASN A 47 6.82 7.25 22.50
C ASN A 47 6.45 7.06 23.96
N GLU A 48 6.41 8.15 24.70
CA GLU A 48 5.94 8.08 26.08
C GLU A 48 4.49 7.73 26.22
N ILE A 49 3.60 8.32 25.41
CA ILE A 49 2.19 7.93 25.48
C ILE A 49 2.04 6.48 25.06
N SER A 50 2.80 6.08 24.02
CA SER A 50 2.67 4.68 23.57
C SER A 50 2.99 3.67 24.67
N ALA A 51 4.10 3.91 25.38
CA ALA A 51 4.55 3.09 26.52
C ALA A 51 3.48 3.01 27.60
N GLU A 52 2.76 4.11 27.82
CA GLU A 52 1.70 4.16 28.80
C GLU A 52 0.50 3.32 28.33
N LEU A 53 0.12 3.42 27.07
CA LEU A 53 -0.96 2.58 26.59
C LEU A 53 -0.53 1.06 26.61
N ALA A 54 0.71 0.77 26.26
CA ALA A 54 1.22 -0.61 26.27
C ALA A 54 1.03 -1.22 27.69
N LYS A 55 1.41 -0.45 28.72
CA LYS A 55 1.22 -0.90 30.12
C LYS A 55 -0.23 -1.21 30.41
N PHE A 56 -1.16 -0.37 29.94
CA PHE A 56 -2.55 -0.64 30.16
C PHE A 56 -2.99 -1.94 29.45
N MET A 57 -2.55 -2.14 28.20
CA MET A 57 -2.96 -3.35 27.40
C MET A 57 -2.45 -4.62 28.10
N LYS A 58 -1.27 -4.54 28.72
CA LYS A 58 -0.78 -5.68 29.56
C LYS A 58 -1.78 -6.03 30.64
N GLU A 59 -2.29 -5.01 31.34
CA GLU A 59 -3.34 -5.21 32.32
C GLU A 59 -4.61 -5.83 31.67
N VAL A 60 -5.02 -5.32 30.51
CA VAL A 60 -6.18 -5.88 29.85
C VAL A 60 -5.96 -7.37 29.52
N ALA A 61 -4.79 -7.72 28.99
CA ALA A 61 -4.56 -9.10 28.56
C ALA A 61 -4.59 -10.00 29.79
N SER A 62 -4.03 -9.53 30.91
CA SER A 62 -4.11 -10.25 32.17
C SER A 62 -5.52 -10.42 32.69
N ASP A 63 -6.31 -9.33 32.78
CA ASP A 63 -7.72 -9.42 33.15
C ASP A 63 -8.62 -10.31 32.23
N THR A 64 -8.30 -10.51 30.94
CA THR A 64 -9.09 -11.47 30.15
C THR A 64 -9.08 -12.92 30.72
N THR A 65 -8.00 -13.31 31.42
CA THR A 65 -7.92 -14.63 32.09
C THR A 65 -8.92 -14.77 33.26
N LYS A 66 -9.50 -13.70 33.75
CA LYS A 66 -10.58 -13.84 34.76
C LYS A 66 -11.93 -14.25 34.18
N PHE A 67 -12.04 -14.19 32.86
CA PHE A 67 -13.28 -14.56 32.22
C PHE A 67 -13.06 -15.87 31.51
N GLN A 68 -14.01 -16.81 31.68
CA GLN A 68 -13.99 -18.10 30.93
C GLN A 68 -14.44 -17.89 29.49
N TRP A 69 -13.80 -16.97 28.77
CA TRP A 69 -14.37 -16.48 27.49
C TRP A 69 -14.45 -17.59 26.44
N ARG A 70 -13.52 -18.52 26.44
CA ARG A 70 -13.61 -19.61 25.44
C ARG A 70 -14.79 -20.52 25.65
N SER A 71 -15.38 -20.45 26.85
CA SER A 71 -16.57 -21.26 27.14
C SER A 71 -17.88 -20.55 26.79
N TYR A 72 -17.87 -19.29 26.31
CA TYR A 72 -19.15 -18.59 26.11
C TYR A 72 -19.99 -19.04 24.92
N GLN A 73 -21.29 -18.72 24.93
CA GLN A 73 -22.15 -19.06 23.82
C GLN A 73 -21.99 -18.10 22.63
N SER A 74 -21.82 -16.82 22.94
CA SER A 74 -21.79 -15.77 21.93
C SER A 74 -20.45 -15.74 21.16
N GLU A 75 -20.50 -16.09 19.89
CA GLU A 75 -19.33 -16.01 19.03
C GLU A 75 -18.87 -14.59 19.01
N ASP A 76 -19.79 -13.60 19.12
CA ASP A 76 -19.37 -12.18 19.06
C ASP A 76 -18.55 -11.80 20.30
N LEU A 77 -19.01 -12.23 21.49
CA LEU A 77 -18.22 -11.91 22.69
C LEU A 77 -16.88 -12.64 22.66
N LYS A 78 -16.91 -13.91 22.22
CA LYS A 78 -15.60 -14.63 22.16
C LYS A 78 -14.63 -13.94 21.20
N ARG A 79 -15.14 -13.46 20.07
CA ARG A 79 -14.29 -12.75 19.06
C ARG A 79 -13.63 -11.47 19.65
N GLN A 80 -14.42 -10.72 20.44
CA GLN A 80 -13.91 -9.55 21.14
C GLN A 80 -12.87 -9.91 22.16
N PHE A 81 -13.15 -10.94 22.99
CA PHE A 81 -12.11 -11.30 23.97
C PHE A 81 -10.83 -11.75 23.26
N LYS A 82 -10.99 -12.55 22.22
CA LYS A 82 -9.76 -12.99 21.46
C LYS A 82 -8.99 -11.76 20.96
N ALA A 83 -9.66 -10.80 20.32
CA ALA A 83 -8.93 -9.50 19.96
C ALA A 83 -8.10 -8.84 21.12
N LEU A 84 -8.64 -8.79 22.35
CA LEU A 84 -7.93 -8.22 23.52
C LEU A 84 -6.75 -9.05 24.02
N THR A 85 -6.73 -10.33 23.69
CA THR A 85 -5.56 -11.10 24.15
C THR A 85 -4.34 -10.79 23.34
N LYS A 86 -4.55 -10.19 22.15
CA LYS A 86 -3.46 -9.99 21.23
C LYS A 86 -2.75 -8.70 21.48
N LEU A 87 -1.64 -8.79 22.19
CA LEU A 87 -0.89 -7.62 22.71
C LEU A 87 0.07 -7.01 21.69
N GLY A 88 0.53 -7.85 20.75
CA GLY A 88 1.62 -7.50 19.84
C GLY A 88 2.86 -7.01 20.60
N TYR A 89 3.43 -5.90 20.15
CA TYR A 89 4.62 -5.33 20.82
C TYR A 89 4.40 -5.04 22.29
N ALA A 90 3.19 -4.71 22.69
CA ALA A 90 2.95 -4.36 24.12
C ALA A 90 3.20 -5.58 25.06
N ALA A 91 3.45 -6.77 24.49
CA ALA A 91 3.78 -7.90 25.33
C ALA A 91 5.20 -7.78 25.87
N LEU A 92 6.02 -6.90 25.30
CA LEU A 92 7.41 -6.77 25.67
C LEU A 92 7.62 -6.12 27.07
N PRO A 93 8.65 -6.55 27.85
CA PRO A 93 9.05 -5.87 29.10
C PRO A 93 9.13 -4.39 28.82
N GLU A 94 8.75 -3.57 29.81
CA GLU A 94 8.78 -2.10 29.74
C GLU A 94 9.99 -1.52 29.03
N ASP A 95 11.19 -1.89 29.46
CA ASP A 95 12.38 -1.36 28.88
C ASP A 95 12.58 -1.76 27.39
N ASP A 96 12.23 -3.00 27.06
CA ASP A 96 12.36 -3.48 25.65
C ASP A 96 11.32 -2.79 24.77
N TYR A 97 10.13 -2.54 25.29
CA TYR A 97 9.13 -1.84 24.54
C TYR A 97 9.61 -0.41 24.29
N ALA A 98 10.18 0.27 25.32
CA ALA A 98 10.69 1.67 25.08
C ALA A 98 11.83 1.70 24.04
N GLU A 99 12.75 0.73 24.15
CA GLU A 99 13.82 0.57 23.19
C GLU A 99 13.26 0.29 21.78
N LEU A 100 12.25 -0.57 21.66
CA LEU A 100 11.69 -0.79 20.31
C LEU A 100 11.09 0.52 19.73
N LEU A 101 10.31 1.22 20.54
CA LEU A 101 9.80 2.50 20.08
C LEU A 101 10.89 3.50 19.65
N ASP A 102 11.99 3.61 20.39
CA ASP A 102 13.05 4.58 20.01
C ASP A 102 13.73 4.12 18.73
N THR A 103 13.72 2.81 18.51
CA THR A 103 14.27 2.24 17.29
C THR A 103 13.40 2.61 16.08
N LEU A 104 12.10 2.36 16.19
CA LEU A 104 11.13 2.68 15.13
C LEU A 104 11.21 4.20 14.75
N SER A 105 11.28 5.08 15.78
CA SER A 105 11.27 6.49 15.43
C SER A 105 12.59 6.88 14.82
N ALA A 106 13.70 6.26 15.24
CA ALA A 106 14.97 6.60 14.63
C ALA A 106 14.88 6.26 13.13
N MET A 107 14.35 5.09 12.79
CA MET A 107 14.23 4.71 11.36
C MET A 107 13.30 5.58 10.57
N GLU A 108 12.11 5.85 11.09
CA GLU A 108 11.16 6.55 10.29
C GLU A 108 11.63 8.01 10.17
N SER A 109 12.24 8.55 11.24
CA SER A 109 12.74 9.96 11.12
C SER A 109 13.97 10.05 10.22
N ASN A 110 14.84 9.05 10.27
CA ASN A 110 15.90 8.96 9.26
C ASN A 110 15.30 9.05 7.85
N PHE A 111 14.33 8.21 7.54
CA PHE A 111 13.74 8.23 6.20
C PHE A 111 13.20 9.63 5.83
N ALA A 112 12.39 10.20 6.73
CA ALA A 112 11.69 11.42 6.48
C ALA A 112 12.68 12.59 6.30
N LYS A 113 13.88 12.47 6.86
CA LYS A 113 14.80 13.60 6.78
C LYS A 113 15.83 13.46 5.69
N VAL A 114 15.80 12.42 4.85
CA VAL A 114 16.86 12.33 3.86
C VAL A 114 16.88 13.56 2.88
N LYS A 115 18.05 14.05 2.55
CA LYS A 115 18.19 15.08 1.54
C LYS A 115 19.43 14.74 0.77
N VAL A 116 19.47 15.09 -0.51
CA VAL A 116 20.63 14.80 -1.34
C VAL A 116 21.05 16.06 -2.09
N CYS A 117 22.27 16.03 -2.63
CA CYS A 117 22.79 17.13 -3.46
C CYS A 117 22.33 17.03 -4.90
N ASP A 118 21.98 18.18 -5.48
CA ASP A 118 21.66 18.29 -6.92
C ASP A 118 22.79 17.61 -7.73
N TYR A 119 22.40 16.75 -8.68
CA TYR A 119 23.31 16.17 -9.65
C TYR A 119 24.15 17.22 -10.40
N LYS A 120 23.56 18.37 -10.68
CA LYS A 120 24.23 19.42 -11.46
C LYS A 120 24.86 20.53 -10.57
N ASP A 121 24.65 20.47 -9.26
CA ASP A 121 25.07 21.56 -8.38
C ASP A 121 25.36 21.04 -7.00
N SER A 122 26.59 20.68 -6.74
CA SER A 122 26.93 20.04 -5.49
C SER A 122 26.85 20.97 -4.33
N THR A 123 26.35 22.15 -4.60
CA THR A 123 26.22 23.17 -3.63
C THR A 123 24.83 23.20 -3.03
N LYS A 124 23.91 22.66 -3.80
CA LYS A 124 22.52 22.68 -3.49
C LYS A 124 22.16 21.34 -2.91
N CYS A 125 22.05 21.29 -1.59
CA CYS A 125 21.90 20.00 -0.89
C CYS A 125 20.65 19.79 -0.09
N ASP A 126 19.53 20.20 -0.62
CA ASP A 126 18.26 20.12 0.11
C ASP A 126 17.16 19.48 -0.73
N LEU A 127 17.53 18.53 -1.60
CA LEU A 127 16.52 17.88 -2.45
C LEU A 127 15.95 16.76 -1.57
N ALA A 128 14.63 16.79 -1.31
CA ALA A 128 14.00 15.69 -0.53
C ALA A 128 13.46 14.65 -1.55
N LEU A 129 13.20 13.45 -1.08
CA LEU A 129 12.52 12.46 -1.96
C LEU A 129 11.25 13.01 -2.55
N ASP A 130 10.41 13.57 -1.68
CA ASP A 130 9.13 14.08 -2.10
C ASP A 130 9.21 15.61 -1.87
N PRO A 131 9.17 16.42 -2.94
CA PRO A 131 8.98 16.02 -4.34
C PRO A 131 10.26 15.97 -5.18
N GLU A 132 11.39 16.50 -4.72
CA GLU A 132 12.52 16.78 -5.67
C GLU A 132 13.14 15.52 -6.31
N ILE A 133 13.40 14.49 -5.54
CA ILE A 133 14.12 13.34 -6.10
C ILE A 133 13.10 12.56 -6.94
N GLU A 134 11.85 12.40 -6.48
CA GLU A 134 10.83 11.69 -7.28
C GLU A 134 10.55 12.38 -8.63
N GLU A 135 10.68 13.71 -8.64
CA GLU A 135 10.48 14.41 -9.89
C GLU A 135 11.56 13.97 -10.92
N VAL A 136 12.83 13.93 -10.52
CA VAL A 136 13.88 13.45 -11.45
C VAL A 136 13.62 11.98 -11.89
N ILE A 137 13.36 11.10 -10.92
CA ILE A 137 13.18 9.69 -11.24
C ILE A 137 12.02 9.46 -12.18
N SER A 138 10.92 10.21 -12.00
CA SER A 138 9.79 10.02 -12.88
C SER A 138 9.98 10.68 -14.29
N LYS A 139 10.80 11.72 -14.41
CA LYS A 139 10.87 12.47 -15.66
C LYS A 139 12.19 12.39 -16.42
N SER A 140 13.31 12.25 -15.74
CA SER A 140 14.61 12.32 -16.45
C SER A 140 14.74 11.07 -17.32
N ARG A 141 15.32 11.21 -18.50
CA ARG A 141 15.70 9.98 -19.25
C ARG A 141 17.19 9.98 -19.45
N ASP A 142 17.90 10.63 -18.55
CA ASP A 142 19.36 10.60 -18.54
C ASP A 142 19.77 9.50 -17.55
N HIS A 143 20.20 8.34 -18.09
CA HIS A 143 20.44 7.19 -17.26
C HIS A 143 21.52 7.39 -16.22
N GLU A 144 22.49 8.27 -16.48
CA GLU A 144 23.52 8.49 -15.45
C GLU A 144 22.98 9.41 -14.33
N GLU A 145 22.18 10.40 -14.73
CA GLU A 145 21.51 11.22 -13.75
C GLU A 145 20.62 10.34 -12.82
N LEU A 146 19.81 9.50 -13.45
CA LEU A 146 18.98 8.51 -12.71
C LEU A 146 19.75 7.64 -11.71
N ALA A 147 20.92 7.13 -12.11
CA ALA A 147 21.74 6.23 -11.26
C ALA A 147 22.33 6.99 -10.10
N TYR A 148 22.70 8.26 -10.35
CA TYR A 148 23.25 9.14 -9.32
C TYR A 148 22.20 9.28 -8.17
N TYR A 149 20.97 9.64 -8.53
CA TYR A 149 19.93 9.86 -7.50
C TYR A 149 19.54 8.56 -6.80
N TRP A 150 19.53 7.46 -7.55
CA TRP A 150 19.25 6.14 -6.96
C TRP A 150 20.27 5.88 -5.87
N ARG A 151 21.54 5.98 -6.22
CA ARG A 151 22.55 5.66 -5.27
C ARG A 151 22.57 6.61 -4.07
N GLU A 152 22.33 7.90 -4.29
CA GLU A 152 22.40 8.87 -3.12
C GLU A 152 21.27 8.53 -2.20
N PHE A 153 20.09 8.30 -2.77
CA PHE A 153 18.96 8.00 -1.95
C PHE A 153 19.05 6.70 -1.13
N TYR A 154 19.42 5.59 -1.80
CA TYR A 154 19.52 4.32 -1.13
C TYR A 154 20.59 4.34 -0.04
N ASP A 155 21.72 4.97 -0.34
CA ASP A 155 22.78 5.04 0.69
C ASP A 155 22.30 5.75 1.95
N LYS A 156 21.49 6.82 1.76
CA LYS A 156 21.00 7.60 2.93
C LYS A 156 19.77 7.05 3.59
N ALA A 157 18.83 6.47 2.83
CA ALA A 157 17.58 6.00 3.45
C ALA A 157 17.72 4.54 3.82
N GLY A 158 18.62 3.82 3.17
CA GLY A 158 18.78 2.37 3.43
C GLY A 158 19.96 2.11 4.35
N THR A 159 21.15 2.27 3.80
CA THR A 159 22.35 1.81 4.53
C THR A 159 22.54 2.46 5.91
N ALA A 160 22.13 3.71 6.03
CA ALA A 160 22.41 4.54 7.24
C ALA A 160 21.69 3.94 8.48
N VAL A 161 20.71 3.10 8.24
CA VAL A 161 19.88 2.58 9.35
C VAL A 161 20.02 1.07 9.58
N ARG A 162 21.10 0.47 9.04
CA ARG A 162 21.30 -0.97 9.20
C ARG A 162 21.30 -1.39 10.69
N SER A 163 22.08 -0.72 11.56
CA SER A 163 22.12 -1.26 12.94
C SER A 163 20.76 -1.15 13.65
N GLN A 164 20.00 -0.07 13.38
CA GLN A 164 18.66 0.09 14.00
C GLN A 164 17.75 -0.99 13.46
N PHE A 165 17.85 -1.23 12.15
CA PHE A 165 17.03 -2.27 11.57
C PHE A 165 17.30 -3.64 12.20
N GLU A 166 18.58 -3.98 12.46
CA GLU A 166 18.94 -5.22 13.11
C GLU A 166 18.30 -5.37 14.48
N ARG A 167 18.34 -4.30 15.29
CA ARG A 167 17.77 -4.30 16.61
C ARG A 167 16.27 -4.38 16.52
N TYR A 168 15.65 -3.75 15.50
CA TYR A 168 14.21 -3.89 15.32
C TYR A 168 13.79 -5.37 15.04
N VAL A 169 14.52 -6.06 14.17
CA VAL A 169 14.24 -7.49 13.85
C VAL A 169 14.31 -8.29 15.17
N GLU A 170 15.36 -8.07 15.99
CA GLU A 170 15.46 -8.78 17.28
C GLU A 170 14.28 -8.54 18.20
N LEU A 171 13.86 -7.27 18.38
CA LEU A 171 12.77 -7.01 19.28
C LEU A 171 11.44 -7.42 18.68
N ASN A 172 11.31 -7.33 17.36
CA ASN A 172 10.06 -7.78 16.75
C ASN A 172 9.91 -9.30 16.99
N THR A 173 11.01 -10.04 16.89
CA THR A 173 10.99 -11.49 17.10
C THR A 173 10.69 -11.82 18.56
N LYS A 174 11.33 -11.07 19.48
CA LYS A 174 11.09 -11.28 20.88
C LYS A 174 9.63 -11.04 21.21
N ALA A 175 9.03 -9.99 20.63
CA ALA A 175 7.59 -9.71 20.88
C ALA A 175 6.75 -10.82 20.36
N ALA A 176 6.98 -11.20 19.10
CA ALA A 176 6.16 -12.28 18.50
C ALA A 176 6.19 -13.55 19.38
N LYS A 177 7.37 -13.92 19.82
CA LYS A 177 7.45 -15.08 20.70
C LYS A 177 6.78 -14.95 22.07
N LEU A 178 6.75 -13.74 22.65
CA LEU A 178 5.96 -13.50 23.88
C LEU A 178 4.47 -13.64 23.63
N ASN A 179 4.06 -13.49 22.36
CA ASN A 179 2.69 -13.74 21.99
C ASN A 179 2.51 -15.20 21.52
N ASN A 180 3.61 -16.00 21.59
CA ASN A 180 3.61 -17.43 21.18
C ASN A 180 3.37 -17.67 19.69
N PHE A 181 3.64 -16.66 18.86
CA PHE A 181 3.88 -16.90 17.42
C PHE A 181 5.36 -17.29 17.24
N THR A 182 5.69 -18.03 16.18
CA THR A 182 7.05 -18.44 15.96
C THR A 182 7.91 -17.20 15.63
N SER A 183 7.33 -16.22 14.94
CA SER A 183 8.11 -15.06 14.55
C SER A 183 7.13 -13.94 14.14
N GLY A 184 7.67 -12.79 13.81
CA GLY A 184 6.83 -11.64 13.34
C GLY A 184 6.05 -11.94 12.05
N ALA A 185 6.54 -12.91 11.29
CA ALA A 185 5.85 -13.32 10.03
C ALA A 185 4.51 -13.84 10.41
N GLU A 186 4.52 -14.77 11.38
CA GLU A 186 3.24 -15.40 11.86
C GLU A 186 2.34 -14.39 12.55
N ALA A 187 2.93 -13.49 13.33
CA ALA A 187 2.13 -12.41 13.91
C ALA A 187 1.43 -11.59 12.83
N TRP A 188 2.16 -11.16 11.78
CA TRP A 188 1.49 -10.44 10.68
C TRP A 188 0.40 -11.26 9.97
N LEU A 189 0.72 -12.55 9.66
CA LEU A 189 -0.23 -13.43 8.98
C LEU A 189 -1.52 -13.70 9.80
N ASP A 190 -1.41 -13.63 11.13
CA ASP A 190 -2.57 -13.84 12.00
C ASP A 190 -3.71 -12.85 11.62
N GLU A 191 -3.38 -11.68 11.04
CA GLU A 191 -4.47 -10.74 10.67
C GLU A 191 -5.41 -11.26 9.58
N TYR A 192 -4.96 -12.27 8.83
CA TYR A 192 -5.79 -12.81 7.76
C TYR A 192 -6.65 -13.99 8.23
N GLU A 193 -6.49 -14.47 9.48
CA GLU A 193 -7.38 -15.56 10.01
C GLU A 193 -7.57 -16.73 9.05
N ASP A 194 -6.45 -17.24 8.49
CA ASP A 194 -6.56 -18.29 7.50
C ASP A 194 -5.21 -18.99 7.42
N ASP A 195 -5.16 -20.21 7.98
CA ASP A 195 -3.87 -20.91 8.08
C ASP A 195 -3.36 -21.47 6.71
N THR A 196 -4.06 -21.20 5.61
CA THR A 196 -3.47 -21.57 4.31
C THR A 196 -3.26 -20.28 3.50
N PHE A 197 -3.22 -19.12 4.17
CA PHE A 197 -3.16 -17.85 3.43
C PHE A 197 -1.95 -17.73 2.53
N GLU A 198 -0.74 -18.10 3.02
CA GLU A 198 0.42 -17.93 2.15
C GLU A 198 0.30 -18.80 0.89
N GLN A 199 -0.02 -20.06 1.09
CA GLN A 199 -0.24 -20.96 -0.04
C GLN A 199 -1.29 -20.43 -1.03
N GLN A 200 -2.37 -19.80 -0.53
CA GLN A 200 -3.38 -19.29 -1.45
C GLN A 200 -2.75 -18.17 -2.34
N LEU A 201 -1.89 -17.37 -1.73
CA LEU A 201 -1.24 -16.23 -2.47
C LEU A 201 -0.18 -16.74 -3.44
N GLU A 202 0.55 -17.77 -3.05
CA GLU A 202 1.46 -18.44 -4.05
C GLU A 202 0.70 -18.95 -5.25
N ASP A 203 -0.46 -19.58 -5.01
CA ASP A 203 -1.26 -20.12 -6.10
C ASP A 203 -1.78 -18.98 -6.99
N ILE A 204 -2.32 -17.91 -6.42
CA ILE A 204 -2.76 -16.84 -7.28
C ILE A 204 -1.57 -16.20 -7.98
N PHE A 205 -0.50 -15.91 -7.22
CA PHE A 205 0.64 -15.30 -7.90
C PHE A 205 1.13 -16.18 -9.08
N ALA A 206 1.24 -17.49 -8.90
CA ALA A 206 1.68 -18.42 -10.00
C ALA A 206 0.82 -18.30 -11.27
N ASP A 207 -0.49 -18.02 -11.12
CA ASP A 207 -1.41 -17.86 -12.27
C ASP A 207 -1.22 -16.56 -13.02
N ILE A 208 -0.79 -15.53 -12.33
CA ILE A 208 -0.68 -14.22 -12.98
C ILE A 208 0.78 -13.99 -13.41
N ARG A 209 1.71 -14.71 -12.80
CA ARG A 209 3.16 -14.52 -13.16
C ARG A 209 3.52 -14.59 -14.68
N PRO A 210 2.87 -15.51 -15.47
CA PRO A 210 3.18 -15.52 -16.92
C PRO A 210 2.84 -14.23 -17.61
N LEU A 211 1.71 -13.62 -17.23
CA LEU A 211 1.43 -12.28 -17.77
C LEU A 211 2.50 -11.27 -17.38
N TYR A 212 2.93 -11.30 -16.11
CA TYR A 212 3.98 -10.36 -15.69
C TYR A 212 5.26 -10.53 -16.58
N GLN A 213 5.64 -11.78 -16.81
CA GLN A 213 6.84 -12.04 -17.64
C GLN A 213 6.71 -11.47 -19.04
N GLN A 214 5.49 -11.51 -19.64
CA GLN A 214 5.27 -10.93 -20.96
C GLN A 214 5.45 -9.40 -20.91
N ILE A 215 4.96 -8.76 -19.83
CA ILE A 215 5.01 -7.28 -19.79
C ILE A 215 6.47 -6.91 -19.58
N HIS A 216 7.12 -7.63 -18.69
CA HIS A 216 8.54 -7.46 -18.36
C HIS A 216 9.32 -7.58 -19.68
N GLY A 217 9.08 -8.62 -20.48
CA GLY A 217 9.85 -8.78 -21.73
C GLY A 217 9.63 -7.66 -22.70
N TYR A 218 8.37 -7.23 -22.86
CA TYR A 218 8.05 -6.17 -23.82
C TYR A 218 8.64 -4.83 -23.34
N VAL A 219 8.52 -4.56 -22.04
CA VAL A 219 9.11 -3.33 -21.52
C VAL A 219 10.66 -3.29 -21.77
N ARG A 220 11.35 -4.39 -21.46
CA ARG A 220 12.85 -4.45 -21.68
C ARG A 220 13.20 -4.18 -23.17
N PHE A 221 12.45 -4.80 -24.07
CA PHE A 221 12.59 -4.60 -25.52
C PHE A 221 12.41 -3.13 -25.89
N ARG A 222 11.39 -2.47 -25.31
CA ARG A 222 11.18 -1.07 -25.64
C ARG A 222 12.27 -0.18 -25.04
N LEU A 223 12.73 -0.48 -23.84
CA LEU A 223 13.82 0.27 -23.17
C LEU A 223 15.15 0.10 -23.96
N ARG A 224 15.40 -1.08 -24.56
CA ARG A 224 16.60 -1.25 -25.44
C ARG A 224 16.56 -0.31 -26.63
N LYS A 225 15.36 -0.09 -27.19
CA LYS A 225 15.26 0.81 -28.35
C LYS A 225 15.52 2.25 -27.95
N HIS A 226 15.16 2.58 -26.71
CA HIS A 226 15.31 3.94 -26.22
C HIS A 226 16.76 4.20 -25.74
N TYR A 227 17.30 3.37 -24.88
CA TYR A 227 18.58 3.70 -24.24
C TYR A 227 19.76 2.99 -24.97
N GLY A 228 19.43 1.97 -25.76
CA GLY A 228 20.51 1.17 -26.45
C GLY A 228 21.00 0.03 -25.62
N ASP A 229 21.73 -0.86 -26.25
CA ASP A 229 22.06 -2.16 -25.56
C ASP A 229 23.25 -2.01 -24.60
N ALA A 230 23.95 -0.87 -24.61
CA ALA A 230 25.00 -0.67 -23.58
C ALA A 230 24.36 -0.44 -22.21
N VAL A 231 23.11 0.05 -22.18
CA VAL A 231 22.38 0.36 -20.94
C VAL A 231 21.45 -0.77 -20.52
N VAL A 232 20.75 -1.39 -21.48
CA VAL A 232 19.82 -2.45 -21.17
C VAL A 232 20.14 -3.70 -21.99
N SER A 233 20.36 -4.84 -21.38
CA SER A 233 20.63 -6.04 -22.22
C SER A 233 19.34 -6.81 -22.54
N GLU A 234 19.39 -7.66 -23.57
CA GLU A 234 18.21 -8.46 -23.98
C GLU A 234 17.92 -9.50 -22.92
N THR A 235 18.96 -10.05 -22.29
CA THR A 235 18.74 -11.25 -21.54
C THR A 235 18.80 -11.09 -20.02
N GLY A 236 19.31 -9.95 -19.53
CA GLY A 236 19.51 -9.76 -18.08
C GLY A 236 18.29 -9.05 -17.42
N PRO A 237 18.29 -8.97 -16.09
CA PRO A 237 17.30 -8.17 -15.33
C PRO A 237 17.30 -6.71 -15.80
N ILE A 238 16.17 -6.04 -15.77
CA ILE A 238 16.06 -4.64 -16.20
C ILE A 238 16.73 -3.74 -15.08
N PRO A 239 17.66 -2.85 -15.46
CA PRO A 239 18.21 -1.81 -14.52
C PRO A 239 17.09 -0.89 -14.02
N MET A 240 16.88 -0.95 -12.73
CA MET A 240 15.63 -0.50 -12.10
C MET A 240 15.40 0.99 -12.11
N HIS A 241 16.48 1.72 -12.25
CA HIS A 241 16.45 3.17 -12.23
C HIS A 241 15.82 3.69 -13.53
N LEU A 242 15.62 2.82 -14.52
CA LEU A 242 15.00 3.28 -15.76
C LEU A 242 13.51 3.13 -15.75
N LEU A 243 12.96 2.67 -14.63
CA LEU A 243 11.55 2.28 -14.69
C LEU A 243 10.61 3.35 -14.11
N GLY A 244 11.14 4.52 -13.80
CA GLY A 244 10.27 5.69 -13.48
C GLY A 244 9.80 5.76 -12.03
N ASN A 245 10.32 4.90 -11.19
CA ASN A 245 9.92 4.85 -9.77
C ASN A 245 11.14 4.42 -8.96
N MET A 246 11.32 5.04 -7.79
CA MET A 246 12.54 4.78 -7.04
C MET A 246 12.68 3.27 -6.63
N TRP A 247 11.56 2.56 -6.46
CA TRP A 247 11.59 1.15 -5.99
C TRP A 247 11.18 0.18 -7.11
N ALA A 248 11.00 0.74 -8.30
CA ALA A 248 10.52 0.08 -9.50
C ALA A 248 9.18 -0.65 -9.20
N GLN A 249 8.35 -0.10 -8.29
CA GLN A 249 7.14 -0.83 -7.88
C GLN A 249 5.99 -0.61 -8.85
N GLN A 250 6.05 0.47 -9.64
CA GLN A 250 5.02 0.72 -10.70
C GLN A 250 5.75 1.39 -11.83
N TRP A 251 5.43 1.04 -13.05
CA TRP A 251 6.20 1.60 -14.20
C TRP A 251 5.49 2.67 -15.04
N SER A 252 4.43 3.27 -14.54
CA SER A 252 3.58 4.04 -15.40
C SER A 252 4.23 5.32 -15.81
N GLU A 253 5.26 5.80 -15.08
CA GLU A 253 5.91 7.05 -15.52
C GLU A 253 6.70 6.91 -16.89
N ILE A 254 6.97 5.69 -17.34
CA ILE A 254 7.71 5.50 -18.60
C ILE A 254 6.76 5.07 -19.67
N ALA A 255 5.45 5.11 -19.41
CA ALA A 255 4.53 4.72 -20.45
C ALA A 255 4.74 5.44 -21.77
N ASP A 256 5.20 6.68 -21.75
CA ASP A 256 5.30 7.41 -22.98
C ASP A 256 6.40 6.80 -23.86
N ILE A 257 7.26 5.98 -23.24
CA ILE A 257 8.35 5.33 -23.95
C ILE A 257 8.12 3.85 -24.30
N VAL A 258 7.18 3.19 -23.62
CA VAL A 258 6.98 1.75 -23.84
C VAL A 258 5.55 1.44 -24.35
N SER A 259 4.79 2.46 -24.71
CA SER A 259 3.35 2.20 -25.00
C SER A 259 3.19 1.47 -26.34
N PRO A 260 2.30 0.51 -26.37
CA PRO A 260 2.12 -0.36 -27.53
C PRO A 260 1.87 0.40 -28.84
N PHE A 261 1.14 1.50 -28.80
CA PHE A 261 0.76 2.27 -30.02
C PHE A 261 1.04 3.74 -29.82
N PRO A 262 2.33 4.12 -30.01
CA PRO A 262 2.73 5.52 -29.71
C PRO A 262 2.06 6.61 -30.52
N GLU A 263 1.48 6.25 -31.65
CA GLU A 263 0.82 7.27 -32.45
C GLU A 263 -0.65 7.41 -31.99
N LYS A 264 -1.07 6.58 -31.03
CA LYS A 264 -2.43 6.61 -30.51
C LYS A 264 -2.42 7.22 -29.11
N PRO A 265 -3.59 7.70 -28.64
CA PRO A 265 -3.63 8.39 -27.34
C PRO A 265 -3.14 7.52 -26.18
N LEU A 266 -2.46 8.17 -25.31
CA LEU A 266 -2.06 7.56 -24.07
C LEU A 266 -2.56 8.54 -22.95
N VAL A 267 -3.35 8.04 -22.01
CA VAL A 267 -4.00 8.97 -21.07
C VAL A 267 -2.98 9.50 -20.07
N ASP A 268 -2.80 10.82 -20.06
CA ASP A 268 -1.96 11.44 -19.02
C ASP A 268 -2.52 12.85 -18.75
N VAL A 269 -3.32 13.01 -17.69
CA VAL A 269 -4.13 14.25 -17.54
C VAL A 269 -3.53 15.32 -16.67
N SER A 270 -2.30 15.08 -16.22
CA SER A 270 -1.62 16.05 -15.37
C SER A 270 -1.59 17.45 -15.97
N ALA A 271 -1.21 17.53 -17.26
CA ALA A 271 -1.12 18.87 -17.89
C ALA A 271 -2.49 19.51 -18.01
N GLU A 272 -3.54 18.75 -18.24
CA GLU A 272 -4.88 19.36 -18.28
C GLU A 272 -5.33 19.80 -16.84
N MET A 273 -4.93 19.06 -15.78
CA MET A 273 -5.27 19.49 -14.44
C MET A 273 -4.63 20.86 -14.13
N GLU A 274 -3.37 21.00 -14.50
CA GLU A 274 -2.68 22.26 -14.27
C GLU A 274 -3.32 23.41 -15.07
N LYS A 275 -3.61 23.13 -16.34
CA LYS A 275 -4.24 24.09 -17.23
C LYS A 275 -5.60 24.54 -16.69
N GLN A 276 -6.41 23.62 -16.16
CA GLN A 276 -7.68 23.95 -15.53
C GLN A 276 -7.55 24.58 -14.11
N GLY A 277 -6.33 24.74 -13.61
CA GLY A 277 -6.15 25.38 -12.30
C GLY A 277 -6.54 24.50 -11.09
N TYR A 278 -6.50 23.17 -11.23
CA TYR A 278 -6.61 22.28 -10.06
C TYR A 278 -5.65 22.63 -8.93
N THR A 279 -6.14 22.41 -7.70
CA THR A 279 -5.37 22.52 -6.49
C THR A 279 -5.59 21.22 -5.67
N PRO A 280 -4.74 20.96 -4.67
CA PRO A 280 -4.98 19.89 -3.70
C PRO A 280 -6.40 19.98 -3.14
N LEU A 281 -6.84 21.16 -2.68
CA LEU A 281 -8.21 21.27 -2.17
C LEU A 281 -9.26 20.79 -3.16
N LYS A 282 -9.20 21.24 -4.43
CA LYS A 282 -10.17 20.73 -5.43
C LYS A 282 -10.11 19.18 -5.61
N MET A 283 -8.92 18.62 -5.65
CA MET A 283 -8.80 17.13 -5.84
C MET A 283 -9.49 16.40 -4.65
N PHE A 284 -9.25 16.85 -3.41
CA PHE A 284 -9.98 16.25 -2.28
C PHE A 284 -11.47 16.49 -2.34
N GLN A 285 -11.91 17.72 -2.72
CA GLN A 285 -13.40 17.88 -2.94
C GLN A 285 -13.91 16.98 -3.98
N MET A 286 -13.07 16.72 -4.99
CA MET A 286 -13.42 15.82 -6.07
C MET A 286 -13.65 14.41 -5.55
N GLY A 287 -12.68 13.91 -4.77
CA GLY A 287 -12.79 12.60 -4.17
C GLY A 287 -14.03 12.49 -3.31
N ASP A 288 -14.29 13.53 -2.53
CA ASP A 288 -15.49 13.59 -1.66
C ASP A 288 -16.75 13.45 -2.50
N ASP A 289 -16.82 14.21 -3.60
CA ASP A 289 -17.95 14.07 -4.51
C ASP A 289 -18.13 12.69 -4.97
N PHE A 290 -17.04 12.03 -5.33
CA PHE A 290 -17.23 10.68 -5.88
C PHE A 290 -17.87 9.78 -4.80
N PHE A 291 -17.35 9.78 -3.59
CA PHE A 291 -17.97 8.84 -2.60
C PHE A 291 -19.43 9.25 -2.37
N THR A 292 -19.69 10.55 -2.19
CA THR A 292 -21.12 10.97 -1.95
C THR A 292 -21.98 10.63 -3.14
N SER A 293 -21.42 10.60 -4.37
CA SER A 293 -22.17 10.29 -5.59
C SER A 293 -22.67 8.86 -5.56
N MET A 294 -22.01 8.00 -4.78
CA MET A 294 -22.40 6.62 -4.65
C MET A 294 -23.28 6.41 -3.40
N ASN A 295 -23.75 7.50 -2.79
CA ASN A 295 -24.57 7.41 -1.57
C ASN A 295 -23.75 6.97 -0.34
N LEU A 296 -22.43 7.27 -0.34
CA LEU A 296 -21.59 6.94 0.82
C LEU A 296 -21.43 8.20 1.56
N THR A 297 -20.63 8.21 2.64
CA THR A 297 -20.61 9.31 3.60
C THR A 297 -19.71 10.48 3.28
N LYS A 298 -20.26 11.70 3.40
CA LYS A 298 -19.50 12.91 3.15
C LYS A 298 -18.40 13.17 4.18
N LEU A 299 -17.29 13.74 3.77
CA LEU A 299 -16.29 14.08 4.75
C LEU A 299 -16.85 15.10 5.76
N PRO A 300 -16.54 14.89 7.05
CA PRO A 300 -17.08 15.74 8.07
C PRO A 300 -16.21 16.98 8.20
N GLN A 301 -16.67 18.01 8.92
CA GLN A 301 -15.89 19.24 9.03
C GLN A 301 -14.56 19.07 9.66
N ASP A 302 -14.38 18.16 10.63
CA ASP A 302 -13.10 18.06 11.25
C ASP A 302 -12.05 17.65 10.18
N PHE A 303 -12.47 16.89 9.20
CA PHE A 303 -11.52 16.43 8.16
C PHE A 303 -10.91 17.71 7.46
N TRP A 304 -11.81 18.60 6.99
CA TRP A 304 -11.38 19.87 6.30
C TRP A 304 -10.65 20.75 7.22
N ASP A 305 -11.10 20.84 8.50
CA ASP A 305 -10.40 21.66 9.46
C ASP A 305 -9.05 21.21 9.80
N LYS A 306 -8.83 19.89 9.89
CA LYS A 306 -7.56 19.49 10.56
C LYS A 306 -6.56 18.69 9.62
N SER A 307 -7.03 18.35 8.42
CA SER A 307 -6.14 17.63 7.41
C SER A 307 -4.99 18.52 6.96
N ILE A 308 -3.87 17.91 6.58
CA ILE A 308 -2.76 18.62 5.97
C ILE A 308 -2.74 18.09 4.53
N ILE A 309 -2.99 18.99 3.59
CA ILE A 309 -3.15 18.52 2.25
C ILE A 309 -2.17 19.08 1.29
N GLU A 310 -1.17 19.82 1.75
CA GLU A 310 -0.07 20.26 0.90
C GLU A 310 1.08 20.23 1.80
N LYS A 311 2.29 20.14 1.25
CA LYS A 311 3.50 20.06 2.00
C LYS A 311 3.70 21.46 2.64
N PRO A 312 3.97 21.49 3.94
CA PRO A 312 4.20 22.75 4.66
C PRO A 312 5.21 23.64 3.95
N THR A 313 5.06 24.95 4.09
CA THR A 313 5.97 25.89 3.46
C THR A 313 7.22 26.12 4.30
N ASP A 314 7.01 26.25 5.61
CA ASP A 314 8.13 26.46 6.54
C ASP A 314 9.20 25.40 6.37
N GLY A 315 10.34 25.60 7.02
CA GLY A 315 11.44 24.66 6.94
C GLY A 315 11.44 23.67 8.09
N ARG A 316 10.33 22.94 8.23
CA ARG A 316 10.20 21.95 9.29
C ARG A 316 10.19 20.53 8.73
N ASP A 317 10.76 19.60 9.49
CA ASP A 317 10.79 18.20 9.08
C ASP A 317 9.48 17.49 9.39
N LEU A 318 9.16 16.46 8.61
CA LEU A 318 7.94 15.69 8.80
C LEU A 318 7.89 14.51 7.84
N VAL A 319 6.86 13.69 7.94
CA VAL A 319 6.74 12.52 7.06
C VAL A 319 5.80 12.81 5.90
N CYS A 320 6.34 12.87 4.68
CA CYS A 320 5.51 13.14 3.53
C CYS A 320 4.86 11.92 2.90
N HIS A 321 5.31 10.73 3.24
CA HIS A 321 4.58 9.58 2.74
C HIS A 321 3.12 9.68 3.16
N ALA A 322 2.18 9.54 2.20
CA ALA A 322 0.74 9.85 2.42
C ALA A 322 0.08 8.92 3.48
N SER A 323 -0.86 9.45 4.28
CA SER A 323 -1.45 8.67 5.37
C SER A 323 -2.85 9.17 5.67
N ALA A 324 -3.65 8.28 6.27
CA ALA A 324 -5.05 8.53 6.57
C ALA A 324 -5.22 8.04 8.05
N TRP A 325 -5.98 8.80 8.83
CA TRP A 325 -5.87 8.74 10.31
C TRP A 325 -7.26 8.74 10.91
N ASP A 326 -7.56 7.68 11.71
CA ASP A 326 -8.79 7.57 12.49
C ASP A 326 -8.41 7.91 13.94
N PHE A 327 -9.13 8.88 14.54
CA PHE A 327 -8.83 9.28 15.92
C PHE A 327 -9.76 8.63 16.94
N TYR A 328 -10.64 7.77 16.48
CA TYR A 328 -11.45 6.86 17.33
C TYR A 328 -12.50 7.57 18.17
N LEU A 329 -12.92 8.75 17.72
CA LEU A 329 -14.09 9.44 18.30
C LEU A 329 -15.26 9.34 17.34
N THR A 330 -15.99 10.42 17.13
CA THR A 330 -17.01 10.39 16.11
C THR A 330 -16.53 11.51 15.09
N ASP A 331 -16.34 11.11 13.83
CA ASP A 331 -16.05 12.05 12.70
C ASP A 331 -14.74 12.73 12.83
N ASP A 332 -13.89 12.27 13.72
CA ASP A 332 -12.56 12.91 13.79
C ASP A 332 -11.63 12.00 12.98
N VAL A 333 -11.55 12.31 11.69
CA VAL A 333 -10.72 11.55 10.72
C VAL A 333 -9.91 12.60 9.90
N ARG A 334 -8.69 12.27 9.49
CA ARG A 334 -7.86 13.22 8.75
C ARG A 334 -6.84 12.56 7.83
N ILE A 335 -6.34 13.36 6.88
CA ILE A 335 -5.28 12.92 5.92
C ILE A 335 -4.14 13.86 6.03
N LYS A 336 -2.91 13.32 5.90
CA LYS A 336 -1.76 14.11 5.72
C LYS A 336 -1.21 13.72 4.36
N GLN A 337 -1.19 14.62 3.37
CA GLN A 337 -0.66 14.22 2.00
C GLN A 337 0.04 15.41 1.46
N CYS A 338 1.22 15.20 0.87
CA CYS A 338 1.92 16.28 0.18
C CYS A 338 1.38 16.39 -1.24
N THR A 339 0.10 16.73 -1.35
CA THR A 339 -0.60 16.77 -2.63
C THR A 339 0.14 17.51 -3.73
N ARG A 340 0.29 16.84 -4.87
CA ARG A 340 0.83 17.45 -6.08
C ARG A 340 -0.22 17.30 -7.18
N VAL A 341 -0.27 18.25 -8.11
CA VAL A 341 -1.34 18.23 -9.09
C VAL A 341 -0.94 17.33 -10.29
N THR A 342 -1.18 16.02 -10.19
CA THR A 342 -0.79 15.08 -11.23
C THR A 342 -1.85 14.00 -11.28
N GLN A 343 -1.87 13.23 -12.35
CA GLN A 343 -2.81 12.15 -12.51
C GLN A 343 -2.61 11.09 -11.37
N ASP A 344 -1.36 10.66 -11.15
CA ASP A 344 -1.10 9.62 -10.16
C ASP A 344 -1.54 10.09 -8.76
N GLN A 345 -1.29 11.36 -8.45
CA GLN A 345 -1.78 12.02 -7.20
C GLN A 345 -3.31 12.08 -7.05
N LEU A 346 -4.05 12.21 -8.16
CA LEU A 346 -5.50 12.11 -8.12
C LEU A 346 -5.93 10.72 -7.68
N PHE A 347 -5.22 9.69 -8.19
CA PHE A 347 -5.46 8.34 -7.65
C PHE A 347 -5.05 8.24 -6.18
N THR A 348 -3.93 8.74 -5.77
CA THR A 348 -3.53 8.71 -4.35
C THR A 348 -4.54 9.42 -3.40
N VAL A 349 -5.12 10.54 -3.84
CA VAL A 349 -6.18 11.17 -3.04
C VAL A 349 -7.33 10.21 -2.88
N HIS A 350 -7.73 9.49 -3.91
CA HIS A 350 -8.87 8.63 -3.75
C HIS A 350 -8.53 7.37 -2.89
N HIS A 351 -7.30 6.86 -3.05
CA HIS A 351 -6.74 5.80 -2.17
C HIS A 351 -6.90 6.24 -0.69
N GLU A 352 -6.37 7.39 -0.29
CA GLU A 352 -6.45 7.86 1.10
C GLU A 352 -7.86 8.05 1.49
N LEU A 353 -8.70 8.60 0.59
CA LEU A 353 -10.12 8.85 0.99
C LEU A 353 -10.86 7.52 1.19
N GLY A 354 -10.37 6.45 0.52
CA GLY A 354 -10.98 5.13 0.74
C GLY A 354 -10.76 4.64 2.21
N HIS A 355 -9.58 4.89 2.79
CA HIS A 355 -9.36 4.57 4.18
C HIS A 355 -10.35 5.40 5.03
N ILE A 356 -10.42 6.70 4.76
CA ILE A 356 -11.28 7.60 5.58
C ILE A 356 -12.69 7.11 5.51
N GLN A 357 -13.17 6.77 4.33
CA GLN A 357 -14.50 6.24 4.26
C GLN A 357 -14.74 5.02 5.18
N TYR A 358 -13.78 4.08 5.17
CA TYR A 358 -13.93 2.80 5.95
C TYR A 358 -13.96 3.23 7.44
N PHE A 359 -13.16 4.24 7.83
CA PHE A 359 -13.25 4.74 9.23
C PHE A 359 -14.66 5.18 9.62
N LEU A 360 -15.29 5.92 8.69
CA LEU A 360 -16.62 6.54 8.93
C LEU A 360 -17.63 5.47 8.88
N GLN A 361 -17.47 4.47 8.00
CA GLN A 361 -18.41 3.38 7.89
C GLN A 361 -18.49 2.48 9.16
N TYR A 362 -17.36 2.26 9.78
CA TYR A 362 -17.34 1.37 10.95
C TYR A 362 -17.28 2.08 12.32
N GLN A 363 -17.41 3.42 12.34
CA GLN A 363 -17.13 4.12 13.62
C GLN A 363 -18.10 3.82 14.74
N HIS A 364 -19.21 3.17 14.44
CA HIS A 364 -20.22 2.87 15.43
C HIS A 364 -19.94 1.50 16.04
N GLN A 365 -19.01 0.74 15.43
CA GLN A 365 -18.65 -0.59 16.00
C GLN A 365 -17.91 -0.47 17.32
N PRO A 366 -17.93 -1.53 18.16
CA PRO A 366 -17.01 -1.43 19.31
C PRO A 366 -15.58 -1.28 18.84
N PHE A 367 -14.78 -0.69 19.69
CA PHE A 367 -13.48 -0.28 19.33
C PHE A 367 -12.65 -1.44 18.70
N VAL A 368 -12.74 -2.65 19.27
CA VAL A 368 -11.86 -3.76 18.68
C VAL A 368 -12.21 -4.06 17.24
N TYR A 369 -13.46 -3.77 16.83
CA TYR A 369 -13.94 -4.08 15.50
C TYR A 369 -13.72 -2.87 14.52
N ARG A 370 -13.17 -1.74 15.00
CA ARG A 370 -13.02 -0.53 14.16
C ARG A 370 -11.70 -0.67 13.39
N THR A 371 -11.67 -1.62 12.45
CA THR A 371 -10.46 -1.83 11.62
C THR A 371 -10.92 -2.59 10.45
N GLY A 372 -10.10 -2.81 9.43
CA GLY A 372 -10.62 -3.55 8.22
C GLY A 372 -10.89 -5.03 8.45
N ALA A 373 -11.77 -5.60 7.63
CA ALA A 373 -12.08 -7.03 7.74
C ALA A 373 -10.76 -7.87 7.73
N ASN A 374 -9.81 -7.48 6.88
CA ASN A 374 -8.39 -7.91 6.94
C ASN A 374 -7.59 -6.70 6.34
N PRO A 375 -6.24 -6.56 6.56
CA PRO A 375 -5.61 -5.32 6.14
C PRO A 375 -5.69 -5.03 4.66
N GLY A 376 -5.79 -6.06 3.85
CA GLY A 376 -5.96 -5.88 2.41
C GLY A 376 -7.32 -5.20 2.09
N PHE A 377 -8.43 -5.52 2.80
CA PHE A 377 -9.70 -4.77 2.55
C PHE A 377 -9.48 -3.27 2.75
N HIS A 378 -8.68 -2.85 3.74
CA HIS A 378 -8.57 -1.39 3.98
C HIS A 378 -7.89 -0.74 2.80
N GLU A 379 -6.87 -1.42 2.24
CA GLU A 379 -6.11 -0.83 1.12
C GLU A 379 -6.92 -0.86 -0.21
N ALA A 380 -7.91 -1.74 -0.33
CA ALA A 380 -8.63 -1.93 -1.62
C ALA A 380 -9.66 -0.83 -1.86
N VAL A 381 -10.23 -0.27 -0.77
CA VAL A 381 -11.44 0.55 -0.92
C VAL A 381 -11.22 1.68 -1.95
N GLY A 382 -10.21 2.53 -1.70
CA GLY A 382 -10.00 3.69 -2.53
C GLY A 382 -9.54 3.31 -3.89
N ASP A 383 -8.90 2.15 -4.03
CA ASP A 383 -8.38 1.72 -5.38
C ASP A 383 -9.47 1.25 -6.32
N VAL A 384 -10.55 0.71 -5.73
CA VAL A 384 -11.80 0.45 -6.54
C VAL A 384 -12.27 1.74 -7.22
N LEU A 385 -12.30 2.87 -6.49
CA LEU A 385 -12.73 4.10 -7.12
C LEU A 385 -11.67 4.61 -8.11
N SER A 386 -10.40 4.58 -7.72
CA SER A 386 -9.27 4.95 -8.62
C SER A 386 -9.30 4.20 -9.92
N LEU A 387 -9.69 2.93 -9.88
CA LEU A 387 -9.80 2.13 -11.09
C LEU A 387 -10.89 2.69 -12.00
N SER A 388 -11.92 3.26 -11.37
CA SER A 388 -13.03 3.86 -12.11
C SER A 388 -12.62 5.24 -12.62
N VAL A 389 -11.96 6.02 -11.78
CA VAL A 389 -11.51 7.36 -12.16
C VAL A 389 -10.49 7.37 -13.30
N SER A 390 -9.67 6.33 -13.38
CA SER A 390 -8.61 6.27 -14.37
C SER A 390 -9.20 6.00 -15.77
N THR A 391 -10.50 5.64 -15.90
CA THR A 391 -11.04 5.21 -17.20
C THR A 391 -11.20 6.41 -18.11
N PRO A 392 -10.96 6.21 -19.40
CA PRO A 392 -11.29 7.29 -20.31
C PRO A 392 -12.79 7.73 -20.14
N LYS A 393 -13.72 6.81 -19.87
CA LYS A 393 -15.10 7.20 -19.56
C LYS A 393 -15.23 8.33 -18.52
N HIS A 394 -14.64 8.12 -17.33
CA HIS A 394 -14.67 9.11 -16.28
C HIS A 394 -13.97 10.36 -16.64
N LEU A 395 -12.76 10.21 -17.18
CA LEU A 395 -11.95 11.35 -17.32
C LEU A 395 -12.48 12.29 -18.41
N GLU A 396 -13.17 11.74 -19.38
CA GLU A 396 -13.91 12.61 -20.32
C GLU A 396 -15.07 13.39 -19.62
N LYS A 397 -15.84 12.74 -18.74
CA LYS A 397 -16.89 13.42 -17.93
C LYS A 397 -16.39 14.65 -17.14
N ILE A 398 -15.16 14.60 -16.62
CA ILE A 398 -14.67 15.70 -15.84
C ILE A 398 -13.79 16.64 -16.63
N GLY A 399 -13.77 16.43 -17.96
CA GLY A 399 -13.15 17.42 -18.82
C GLY A 399 -11.65 17.35 -18.78
N LEU A 400 -11.08 16.24 -18.31
CA LEU A 400 -9.62 16.19 -18.15
C LEU A 400 -8.98 15.49 -19.40
N LEU A 401 -9.80 14.73 -20.12
CA LEU A 401 -9.34 14.02 -21.31
C LEU A 401 -10.19 14.51 -22.52
N LYS A 402 -9.51 15.09 -23.49
CA LYS A 402 -10.17 15.74 -24.63
C LYS A 402 -9.77 15.09 -25.94
N ASP A 403 -10.70 15.12 -26.88
CA ASP A 403 -10.48 14.61 -28.23
C ASP A 403 -9.94 13.16 -28.22
N TYR A 404 -10.50 12.30 -27.36
CA TYR A 404 -10.08 10.90 -27.25
C TYR A 404 -10.92 10.04 -28.15
N VAL A 405 -10.30 9.17 -28.98
CA VAL A 405 -11.07 8.16 -29.75
C VAL A 405 -10.69 6.79 -29.20
N ARG A 406 -11.64 6.09 -28.60
CA ARG A 406 -11.32 4.82 -27.97
C ARG A 406 -11.33 3.67 -28.95
N ASP A 407 -10.44 3.67 -29.93
CA ASP A 407 -10.41 2.50 -30.86
C ASP A 407 -9.67 1.30 -30.19
N ASP A 408 -9.44 0.22 -30.93
CA ASP A 408 -8.77 -0.95 -30.39
C ASP A 408 -7.33 -0.70 -29.93
N GLU A 409 -6.64 0.20 -30.61
CA GLU A 409 -5.28 0.53 -30.27
C GLU A 409 -5.24 1.38 -29.00
N ALA A 410 -6.06 2.43 -28.94
CA ALA A 410 -6.11 3.21 -27.74
C ALA A 410 -6.48 2.27 -26.55
N ARG A 411 -7.34 1.30 -26.77
CA ARG A 411 -7.78 0.44 -25.67
C ARG A 411 -6.59 -0.37 -25.13
N ILE A 412 -5.83 -0.93 -26.05
CA ILE A 412 -4.57 -1.57 -25.66
C ILE A 412 -3.59 -0.64 -24.94
N ASN A 413 -3.38 0.59 -25.41
CA ASN A 413 -2.53 1.52 -24.67
C ASN A 413 -3.01 1.68 -23.21
N GLN A 414 -4.34 1.76 -23.06
CA GLN A 414 -4.93 2.03 -21.71
C GLN A 414 -4.84 0.82 -20.79
N LEU A 415 -5.13 -0.37 -21.32
CA LEU A 415 -4.95 -1.57 -20.57
C LEU A 415 -3.47 -1.78 -20.16
N PHE A 416 -2.57 -1.44 -21.07
CA PHE A 416 -1.14 -1.63 -20.80
C PHE A 416 -0.69 -0.62 -19.71
N LEU A 417 -1.08 0.65 -19.85
CA LEU A 417 -0.86 1.64 -18.84
C LEU A 417 -1.37 1.14 -17.48
N THR A 418 -2.60 0.58 -17.42
CA THR A 418 -3.12 0.08 -16.14
C THR A 418 -2.21 -1.07 -15.60
N ALA A 419 -1.82 -1.98 -16.48
CA ALA A 419 -0.96 -3.10 -16.12
C ALA A 419 0.41 -2.69 -15.58
N LEU A 420 0.95 -1.57 -16.10
CA LEU A 420 2.26 -1.11 -15.64
C LEU A 420 2.17 -0.70 -14.16
N ASP A 421 0.97 -0.38 -13.69
CA ASP A 421 0.73 -0.16 -12.24
C ASP A 421 0.32 -1.51 -11.60
N LYS A 422 -0.76 -2.11 -12.03
CA LYS A 422 -1.43 -3.19 -11.26
C LYS A 422 -0.80 -4.59 -11.35
N ILE A 423 -0.22 -4.95 -12.51
CA ILE A 423 0.38 -6.29 -12.64
C ILE A 423 1.83 -6.19 -12.18
N VAL A 424 2.56 -5.17 -12.66
CA VAL A 424 3.96 -4.97 -12.26
C VAL A 424 4.12 -4.96 -10.70
N PHE A 425 3.18 -4.37 -10.03
CA PHE A 425 3.27 -4.29 -8.57
C PHE A 425 3.20 -5.63 -7.84
N LEU A 426 2.54 -6.63 -8.42
CA LEU A 426 2.30 -7.86 -7.68
C LEU A 426 3.64 -8.56 -7.18
N PRO A 427 4.56 -8.82 -8.08
CA PRO A 427 5.81 -9.44 -7.55
C PRO A 427 6.50 -8.50 -6.62
N PHE A 428 6.46 -7.18 -6.91
CA PHE A 428 7.09 -6.20 -6.00
C PHE A 428 6.57 -6.37 -4.57
N ALA A 429 5.24 -6.35 -4.42
CA ALA A 429 4.67 -6.37 -3.09
C ALA A 429 4.91 -7.68 -2.40
N PHE A 430 4.83 -8.79 -3.16
CA PHE A 430 5.10 -10.08 -2.55
C PHE A 430 6.53 -10.09 -1.92
N THR A 431 7.50 -9.52 -2.63
CA THR A 431 8.89 -9.61 -2.15
C THR A 431 9.14 -8.77 -0.89
N MET A 432 8.39 -7.66 -0.71
CA MET A 432 8.59 -6.80 0.49
C MET A 432 8.39 -7.62 1.77
N ASP A 433 7.33 -8.44 1.77
CA ASP A 433 7.12 -9.35 2.92
C ASP A 433 7.84 -10.68 2.84
N LYS A 434 8.05 -11.27 1.65
CA LYS A 434 8.85 -12.53 1.68
C LYS A 434 10.24 -12.17 2.28
N TYR A 435 10.76 -11.00 1.96
CA TYR A 435 12.09 -10.60 2.52
C TYR A 435 12.00 -10.49 4.02
N ARG A 436 11.08 -9.66 4.53
CA ARG A 436 11.03 -9.46 6.00
C ARG A 436 10.63 -10.73 6.72
N TRP A 437 9.73 -11.51 6.13
CA TRP A 437 9.39 -12.81 6.76
C TRP A 437 10.65 -13.68 6.94
N SER A 438 11.52 -13.71 5.94
CA SER A 438 12.69 -14.64 6.02
C SER A 438 13.71 -14.11 7.04
N LEU A 439 13.76 -12.78 7.28
CA LEU A 439 14.57 -12.27 8.40
C LEU A 439 13.96 -12.60 9.74
N PHE A 440 12.65 -12.36 9.85
CA PHE A 440 11.86 -12.63 11.11
C PHE A 440 11.98 -14.08 11.53
N ARG A 441 11.83 -14.98 10.54
CA ARG A 441 11.95 -16.44 10.72
C ARG A 441 13.40 -16.92 11.00
N GLY A 442 14.41 -16.09 10.83
CA GLY A 442 15.76 -16.53 11.18
C GLY A 442 16.35 -17.34 10.01
N GLU A 443 15.80 -17.17 8.80
CA GLU A 443 16.20 -18.00 7.69
C GLU A 443 17.38 -17.44 6.94
N VAL A 444 17.81 -16.21 7.25
CA VAL A 444 18.91 -15.63 6.51
C VAL A 444 19.96 -15.20 7.54
N ASP A 445 21.20 -15.59 7.34
CA ASP A 445 22.24 -15.08 8.25
C ASP A 445 22.53 -13.60 8.04
N LYS A 446 22.80 -12.87 9.13
CA LYS A 446 22.98 -11.40 9.09
C LYS A 446 24.05 -11.04 8.07
N ALA A 447 24.99 -11.95 7.86
CA ALA A 447 26.04 -11.65 6.87
C ALA A 447 25.48 -11.60 5.43
N ASN A 448 24.27 -12.10 5.21
CA ASN A 448 23.71 -12.22 3.84
C ASN A 448 22.44 -11.39 3.66
N TRP A 449 22.12 -10.51 4.59
CA TRP A 449 20.86 -9.76 4.55
C TRP A 449 20.72 -8.85 3.34
N ASN A 450 21.77 -8.21 2.87
CA ASN A 450 21.58 -7.34 1.70
C ASN A 450 21.38 -8.10 0.42
N CYS A 451 22.18 -9.12 0.18
CA CYS A 451 21.98 -9.85 -1.06
C CYS A 451 20.71 -10.69 -1.05
N ALA A 452 20.24 -11.12 0.16
CA ALA A 452 18.95 -11.78 0.23
C ALA A 452 17.81 -10.85 -0.30
N PHE A 453 17.92 -9.52 -0.10
CA PHE A 453 16.94 -8.61 -0.59
C PHE A 453 16.99 -8.59 -2.10
N TRP A 454 18.18 -8.30 -2.64
CA TRP A 454 18.30 -8.19 -4.13
C TRP A 454 18.04 -9.51 -4.87
N LYS A 455 18.29 -10.67 -4.21
CA LYS A 455 18.02 -11.92 -4.84
C LYS A 455 16.49 -12.10 -5.01
N LEU A 456 15.70 -11.73 -4.04
CA LEU A 456 14.22 -11.74 -4.24
C LEU A 456 13.72 -10.80 -5.29
N ARG A 457 14.26 -9.56 -5.35
CA ARG A 457 13.81 -8.62 -6.33
C ARG A 457 14.13 -9.16 -7.74
N ASP A 458 15.29 -9.79 -7.87
CA ASP A 458 15.69 -10.44 -9.15
C ASP A 458 14.72 -11.62 -9.42
N GLU A 459 14.61 -12.57 -8.51
CA GLU A 459 13.87 -13.80 -8.83
C GLU A 459 12.41 -13.46 -9.23
N TYR A 460 11.78 -12.54 -8.47
CA TYR A 460 10.34 -12.28 -8.68
C TYR A 460 10.07 -11.18 -9.69
N SER A 461 10.79 -10.05 -9.65
CA SER A 461 10.47 -8.94 -10.54
C SER A 461 11.46 -8.83 -11.71
N GLY A 462 12.66 -9.42 -11.66
CA GLY A 462 13.50 -9.33 -12.83
C GLY A 462 14.04 -7.95 -13.00
N ILE A 463 14.33 -7.30 -11.86
CA ILE A 463 14.92 -5.98 -11.88
C ILE A 463 16.21 -6.06 -11.01
N GLU A 464 17.10 -5.05 -11.11
CA GLU A 464 18.32 -5.08 -10.35
C GLU A 464 18.77 -3.62 -10.17
N PRO A 465 19.67 -3.39 -9.18
CA PRO A 465 20.22 -2.06 -8.92
C PRO A 465 21.00 -1.56 -10.15
N PRO A 466 21.14 -0.23 -10.29
CA PRO A 466 21.85 0.38 -11.39
C PRO A 466 23.34 0.20 -11.22
N VAL A 467 23.81 -0.06 -10.00
CA VAL A 467 25.23 -0.18 -9.74
C VAL A 467 25.40 -1.40 -8.82
N VAL A 468 26.64 -1.92 -8.75
CA VAL A 468 26.98 -3.06 -7.91
C VAL A 468 26.84 -2.71 -6.45
N ARG A 469 26.11 -3.53 -5.67
CA ARG A 469 25.87 -3.37 -4.25
C ARG A 469 26.54 -4.55 -3.60
N SER A 470 26.70 -4.51 -2.30
CA SER A 470 27.31 -5.61 -1.54
C SER A 470 26.75 -5.64 -0.16
N GLU A 471 27.29 -6.51 0.71
CA GLU A 471 26.83 -6.55 2.08
C GLU A 471 27.31 -5.33 2.88
N LYS A 472 28.07 -4.49 2.21
CA LYS A 472 28.36 -3.19 2.81
C LYS A 472 27.20 -2.23 2.69
N ASP A 473 26.25 -2.49 1.78
CA ASP A 473 25.09 -1.60 1.69
C ASP A 473 23.94 -2.28 2.41
N PHE A 474 22.87 -1.53 2.66
CA PHE A 474 21.71 -2.15 3.26
C PHE A 474 20.51 -1.45 2.70
N ASP A 475 19.93 -2.05 1.66
CA ASP A 475 19.02 -1.28 0.83
C ASP A 475 17.52 -1.33 1.16
N ALA A 476 17.11 -2.36 1.89
CA ALA A 476 15.69 -2.55 2.12
C ALA A 476 14.96 -1.39 2.78
N PRO A 477 15.57 -0.76 3.82
CA PRO A 477 14.88 0.37 4.47
C PRO A 477 14.76 1.61 3.60
N ALA A 478 15.30 1.60 2.36
CA ALA A 478 15.07 2.72 1.50
C ALA A 478 13.58 2.79 1.03
N LYS A 479 12.80 1.73 1.32
CA LYS A 479 11.36 1.72 1.02
C LYS A 479 10.65 2.17 2.35
N TYR A 480 9.76 3.17 2.25
CA TYR A 480 9.13 3.80 3.41
C TYR A 480 8.61 2.71 4.39
N HIS A 481 7.81 1.77 3.89
CA HIS A 481 7.19 0.82 4.77
C HIS A 481 8.16 -0.08 5.51
N ILE A 482 9.32 -0.32 4.92
CA ILE A 482 10.35 -1.08 5.64
C ILE A 482 10.94 -0.22 6.74
N SER A 483 11.32 1.02 6.46
CA SER A 483 11.78 1.87 7.63
C SER A 483 10.69 2.15 8.69
N ALA A 484 9.41 2.18 8.29
CA ALA A 484 8.30 2.57 9.17
C ALA A 484 7.61 1.34 9.80
N ASP A 485 8.13 0.14 9.53
CA ASP A 485 7.55 -1.09 10.12
C ASP A 485 6.07 -1.23 9.78
N VAL A 486 5.77 -1.14 8.49
CA VAL A 486 4.38 -1.32 8.03
C VAL A 486 4.32 -2.56 7.21
N GLU A 487 3.49 -3.51 7.60
CA GLU A 487 3.33 -4.75 6.88
C GLU A 487 2.94 -4.50 5.42
N TYR A 488 3.43 -5.31 4.48
CA TYR A 488 3.23 -4.94 3.06
C TYR A 488 2.28 -5.89 2.35
N LEU A 489 2.03 -7.07 2.92
CA LEU A 489 1.15 -8.06 2.29
C LEU A 489 -0.28 -7.51 2.06
N ARG A 490 -0.71 -6.58 2.90
CA ARG A 490 -2.00 -5.93 2.73
C ARG A 490 -2.06 -5.39 1.30
N TYR A 491 -0.95 -4.88 0.72
CA TYR A 491 -1.10 -4.32 -0.63
C TYR A 491 -1.20 -5.40 -1.71
N LEU A 492 -0.49 -6.54 -1.55
CA LEU A 492 -0.61 -7.62 -2.53
C LEU A 492 -2.11 -8.13 -2.49
N VAL A 493 -2.58 -8.36 -1.28
CA VAL A 493 -3.94 -8.81 -1.12
C VAL A 493 -4.94 -7.79 -1.77
N SER A 494 -4.76 -6.50 -1.46
CA SER A 494 -5.57 -5.44 -2.06
C SER A 494 -5.59 -5.47 -3.59
N PHE A 495 -4.41 -5.55 -4.19
CA PHE A 495 -4.37 -5.59 -5.66
C PHE A 495 -5.05 -6.75 -6.32
N ILE A 496 -5.18 -7.86 -5.59
CA ILE A 496 -5.99 -8.98 -6.08
C ILE A 496 -7.52 -8.71 -5.76
N ILE A 497 -7.84 -8.43 -4.50
CA ILE A 497 -9.30 -8.37 -4.18
C ILE A 497 -9.94 -7.08 -4.78
N GLN A 498 -9.15 -6.02 -4.97
CA GLN A 498 -9.79 -4.78 -5.51
C GLN A 498 -10.44 -5.05 -6.91
N PHE A 499 -9.92 -6.03 -7.66
CA PHE A 499 -10.61 -6.46 -8.89
C PHE A 499 -11.90 -7.23 -8.71
N GLN A 500 -11.93 -8.11 -7.71
CA GLN A 500 -13.16 -8.76 -7.27
C GLN A 500 -14.17 -7.67 -6.91
N PHE A 501 -13.78 -6.68 -6.10
CA PHE A 501 -14.73 -5.59 -5.73
C PHE A 501 -15.13 -4.72 -6.94
N TYR A 502 -14.15 -4.35 -7.79
CA TYR A 502 -14.48 -3.56 -8.99
C TYR A 502 -15.41 -4.23 -9.96
N LYS A 503 -15.13 -5.48 -10.29
CA LYS A 503 -15.95 -6.26 -11.17
C LYS A 503 -17.38 -6.33 -10.65
N SER A 504 -17.52 -6.73 -9.38
CA SER A 504 -18.85 -6.80 -8.77
C SER A 504 -19.58 -5.45 -8.72
N ALA A 505 -18.89 -4.37 -8.36
CA ALA A 505 -19.46 -3.03 -8.31
C ALA A 505 -19.92 -2.58 -9.74
N CYS A 506 -19.10 -2.89 -10.77
CA CYS A 506 -19.43 -2.56 -12.17
C CYS A 506 -20.66 -3.36 -12.62
N ILE A 507 -20.71 -4.62 -12.26
CA ILE A 507 -21.89 -5.42 -12.64
C ILE A 507 -23.15 -4.77 -11.97
N LYS A 508 -23.11 -4.59 -10.63
CA LYS A 508 -24.19 -3.91 -9.90
C LYS A 508 -24.59 -2.57 -10.49
N ALA A 509 -23.63 -1.80 -10.98
CA ALA A 509 -23.89 -0.53 -11.61
C ALA A 509 -24.45 -0.62 -13.04
N GLY A 510 -24.51 -1.81 -13.62
CA GLY A 510 -24.94 -1.94 -15.01
C GLY A 510 -23.85 -1.51 -15.97
N GLN A 511 -22.59 -1.46 -15.49
CA GLN A 511 -21.50 -0.91 -16.24
C GLN A 511 -20.62 -1.98 -16.86
N TYR A 512 -20.84 -3.26 -16.53
CA TYR A 512 -20.02 -4.30 -17.07
C TYR A 512 -20.90 -5.42 -17.45
N ASP A 513 -20.80 -5.87 -18.69
CA ASP A 513 -21.43 -7.12 -19.10
C ASP A 513 -20.45 -7.80 -20.05
N PRO A 514 -20.00 -9.03 -19.74
CA PRO A 514 -18.94 -9.69 -20.50
C PRO A 514 -19.36 -10.01 -21.92
N ASP A 515 -20.69 -10.02 -22.15
CA ASP A 515 -21.27 -10.32 -23.48
C ASP A 515 -21.70 -9.08 -24.26
N ASN A 516 -21.37 -7.91 -23.73
CA ASN A 516 -21.71 -6.69 -24.39
C ASN A 516 -20.45 -5.86 -24.66
N VAL A 517 -20.06 -5.83 -25.95
CA VAL A 517 -18.89 -5.06 -26.41
C VAL A 517 -18.95 -3.60 -25.99
N GLU A 518 -20.12 -3.10 -25.69
CA GLU A 518 -20.19 -1.69 -25.33
C GLU A 518 -19.95 -1.50 -23.84
N LEU A 519 -19.86 -2.59 -23.06
CA LEU A 519 -19.68 -2.44 -21.58
C LEU A 519 -18.46 -3.24 -21.07
N PRO A 520 -17.25 -2.89 -21.55
CA PRO A 520 -16.08 -3.69 -21.12
C PRO A 520 -15.62 -3.29 -19.72
N LEU A 521 -15.01 -4.23 -19.03
CA LEU A 521 -14.62 -4.01 -17.61
C LEU A 521 -13.68 -2.80 -17.47
N ASP A 522 -12.77 -2.69 -18.45
CA ASP A 522 -11.74 -1.66 -18.41
C ASP A 522 -12.23 -0.25 -18.84
N ASN A 523 -13.52 -0.04 -19.14
CA ASN A 523 -14.00 1.33 -19.22
C ASN A 523 -15.24 1.59 -18.29
N CYS A 524 -15.44 0.72 -17.27
CA CYS A 524 -16.51 0.92 -16.24
C CYS A 524 -16.32 2.17 -15.33
N ASP A 525 -17.35 3.02 -15.20
CA ASP A 525 -17.28 4.14 -14.25
C ASP A 525 -18.42 3.91 -13.26
N ILE A 526 -18.09 3.67 -12.01
CA ILE A 526 -19.13 3.50 -10.99
C ILE A 526 -19.54 4.86 -10.35
N TYR A 527 -19.08 5.98 -10.86
CA TYR A 527 -19.48 7.26 -10.30
C TYR A 527 -21.02 7.37 -10.37
N GLY A 528 -21.61 7.94 -9.30
CA GLY A 528 -23.09 8.08 -9.23
C GLY A 528 -23.85 6.81 -8.98
N SER A 529 -23.16 5.69 -8.73
CA SER A 529 -23.91 4.45 -8.58
C SER A 529 -24.26 4.17 -7.09
N ALA A 530 -25.52 4.46 -6.70
CA ALA A 530 -26.09 3.97 -5.39
C ALA A 530 -26.02 2.47 -5.17
N ALA A 531 -26.23 1.70 -6.23
CA ALA A 531 -26.16 0.22 -6.14
C ALA A 531 -24.74 -0.30 -5.75
N ALA A 532 -23.72 0.32 -6.33
CA ALA A 532 -22.33 -0.03 -5.95
C ALA A 532 -22.09 0.46 -4.54
N GLY A 533 -22.57 1.67 -4.19
CA GLY A 533 -22.35 2.25 -2.87
C GLY A 533 -23.00 1.37 -1.80
N ALA A 534 -24.14 0.73 -2.14
CA ALA A 534 -24.86 -0.11 -1.17
C ALA A 534 -24.00 -1.30 -0.79
N ALA A 535 -23.37 -1.91 -1.78
CA ALA A 535 -22.54 -3.06 -1.53
C ALA A 535 -21.31 -2.68 -0.62
N PHE A 536 -20.65 -1.54 -0.91
CA PHE A 536 -19.69 -0.95 -0.01
C PHE A 536 -20.22 -0.66 1.40
N HIS A 537 -21.37 -0.04 1.48
CA HIS A 537 -21.92 0.16 2.84
C HIS A 537 -22.10 -1.17 3.60
N ASN A 538 -22.65 -2.16 2.94
CA ASN A 538 -22.91 -3.45 3.54
C ASN A 538 -21.62 -4.10 4.05
N MET A 539 -20.47 -3.86 3.38
CA MET A 539 -19.26 -4.55 3.76
C MET A 539 -18.49 -3.72 4.76
N LEU A 540 -18.25 -2.44 4.44
CA LEU A 540 -17.40 -1.63 5.24
C LEU A 540 -18.01 -1.43 6.63
N SER A 541 -19.33 -1.40 6.70
CA SER A 541 -19.95 -1.04 8.02
C SER A 541 -19.70 -2.16 9.06
N MET A 542 -19.36 -3.35 8.58
CA MET A 542 -18.99 -4.48 9.45
C MET A 542 -17.64 -4.31 10.18
N GLY A 543 -16.74 -3.46 9.70
CA GLY A 543 -15.36 -3.38 10.26
C GLY A 543 -14.84 -4.85 10.34
N ALA A 544 -14.30 -5.23 11.51
CA ALA A 544 -13.65 -6.51 11.72
C ALA A 544 -14.58 -7.36 12.62
N SER A 545 -15.89 -7.06 12.59
CA SER A 545 -16.83 -7.79 13.46
C SER A 545 -16.96 -9.27 13.10
N LYS A 546 -16.58 -9.59 11.87
CA LYS A 546 -16.66 -10.98 11.36
C LYS A 546 -15.40 -11.28 10.57
N PRO A 547 -15.06 -12.59 10.46
CA PRO A 547 -13.92 -13.02 9.58
C PRO A 547 -14.11 -12.48 8.17
N TRP A 548 -13.02 -12.12 7.50
CA TRP A 548 -13.16 -11.42 6.26
C TRP A 548 -13.99 -12.15 5.19
N PRO A 549 -13.99 -13.49 5.10
CA PRO A 549 -14.84 -14.05 4.04
C PRO A 549 -16.33 -13.65 4.21
N ASP A 550 -16.75 -13.41 5.45
CA ASP A 550 -18.13 -12.87 5.66
C ASP A 550 -18.30 -11.46 5.18
N ALA A 551 -17.24 -10.66 5.25
CA ALA A 551 -17.33 -9.33 4.76
C ALA A 551 -17.36 -9.30 3.21
N LEU A 552 -16.56 -10.17 2.57
CA LEU A 552 -16.58 -10.32 1.09
C LEU A 552 -17.97 -10.75 0.72
N GLU A 553 -18.54 -11.71 1.48
CA GLU A 553 -19.88 -12.19 1.18
C GLU A 553 -20.97 -11.09 1.21
N ALA A 554 -20.87 -10.20 2.18
CA ALA A 554 -21.76 -9.05 2.32
C ALA A 554 -21.68 -8.14 1.10
N PHE A 555 -20.53 -8.09 0.44
CA PHE A 555 -20.36 -7.29 -0.77
C PHE A 555 -21.00 -7.99 -2.00
N ASN A 556 -20.63 -9.24 -2.28
CA ASN A 556 -20.98 -9.81 -3.57
C ASN A 556 -21.41 -11.27 -3.50
N GLY A 557 -21.57 -11.80 -2.29
CA GLY A 557 -21.93 -13.20 -2.14
C GLY A 557 -20.81 -14.24 -2.23
N GLU A 558 -19.55 -13.82 -2.43
CA GLU A 558 -18.43 -14.83 -2.52
C GLU A 558 -17.70 -14.85 -1.24
N ARG A 559 -16.93 -15.92 -1.01
CA ARG A 559 -16.21 -16.04 0.27
C ARG A 559 -14.71 -16.34 0.08
N ILE A 560 -14.25 -16.38 -1.17
CA ILE A 560 -12.91 -16.86 -1.55
C ILE A 560 -12.13 -15.72 -2.23
N MET A 561 -10.90 -15.45 -1.74
CA MET A 561 -9.99 -14.56 -2.46
C MET A 561 -9.56 -15.27 -3.77
N SER A 562 -9.67 -14.56 -4.90
CA SER A 562 -9.48 -15.21 -6.17
C SER A 562 -8.85 -14.30 -7.20
N GLY A 563 -7.94 -14.84 -7.99
CA GLY A 563 -7.33 -14.06 -9.09
C GLY A 563 -8.16 -14.08 -10.39
N LYS A 564 -9.36 -14.66 -10.33
CA LYS A 564 -10.21 -14.68 -11.56
C LYS A 564 -10.49 -13.27 -12.07
N ALA A 565 -10.83 -12.34 -11.16
CA ALA A 565 -11.27 -11.03 -11.63
C ALA A 565 -10.12 -10.21 -12.27
N ILE A 566 -8.95 -10.23 -11.64
CA ILE A 566 -7.86 -9.47 -12.22
C ILE A 566 -7.49 -10.10 -13.57
N ALA A 567 -7.51 -11.42 -13.69
CA ALA A 567 -7.18 -12.01 -15.01
C ALA A 567 -8.22 -11.62 -16.11
N GLU A 568 -9.48 -11.49 -15.69
CA GLU A 568 -10.57 -11.16 -16.61
C GLU A 568 -10.38 -9.72 -17.06
N TYR A 569 -10.02 -8.82 -16.16
CA TYR A 569 -9.82 -7.45 -16.56
C TYR A 569 -8.73 -7.37 -17.66
N PHE A 570 -7.65 -8.12 -17.47
CA PHE A 570 -6.45 -7.96 -18.32
C PHE A 570 -6.45 -8.93 -19.54
N GLU A 571 -7.44 -9.81 -19.63
CA GLU A 571 -7.43 -10.84 -20.66
C GLU A 571 -7.28 -10.28 -22.10
N PRO A 572 -7.95 -9.16 -22.46
CA PRO A 572 -7.63 -8.59 -23.81
C PRO A 572 -6.16 -8.20 -24.01
N LEU A 573 -5.55 -7.65 -22.94
CA LEU A 573 -4.13 -7.28 -22.98
C LEU A 573 -3.27 -8.56 -23.11
N ARG A 574 -3.60 -9.60 -22.35
CA ARG A 574 -2.82 -10.85 -22.42
C ARG A 574 -2.81 -11.41 -23.86
N VAL A 575 -3.99 -11.47 -24.49
CA VAL A 575 -4.06 -12.01 -25.85
C VAL A 575 -3.20 -11.17 -26.82
N TRP A 576 -3.39 -9.85 -26.79
CA TRP A 576 -2.64 -8.94 -27.66
C TRP A 576 -1.09 -9.03 -27.42
N LEU A 577 -0.70 -8.98 -26.14
CA LEU A 577 0.72 -8.95 -25.73
C LEU A 577 1.46 -10.23 -26.09
N GLU A 578 0.84 -11.38 -25.88
CA GLU A 578 1.52 -12.63 -26.18
C GLU A 578 1.83 -12.64 -27.68
N ALA A 579 0.90 -12.15 -28.46
CA ALA A 579 1.03 -12.19 -29.90
C ALA A 579 2.02 -11.18 -30.38
N GLU A 580 2.04 -10.00 -29.73
CA GLU A 580 2.96 -8.94 -30.09
C GLU A 580 4.42 -9.36 -29.74
N ASN A 581 4.61 -10.04 -28.62
CA ASN A 581 5.98 -10.48 -28.26
C ASN A 581 6.50 -11.57 -29.28
N ILE A 582 5.62 -12.46 -29.72
CA ILE A 582 5.99 -13.48 -30.74
C ILE A 582 6.28 -12.73 -32.05
N LYS A 583 5.43 -11.77 -32.39
CA LYS A 583 5.58 -11.06 -33.63
C LYS A 583 6.97 -10.41 -33.69
N ASN A 584 7.40 -9.91 -32.54
CA ASN A 584 8.68 -9.16 -32.43
C ASN A 584 9.82 -10.02 -31.91
N ASN A 585 9.59 -11.32 -31.77
CA ASN A 585 10.63 -12.29 -31.30
C ASN A 585 11.23 -11.82 -29.96
N VAL A 586 10.37 -11.45 -29.01
CA VAL A 586 10.87 -10.75 -27.77
C VAL A 586 11.29 -11.78 -26.80
N HIS A 587 12.49 -11.61 -26.26
CA HIS A 587 13.05 -12.61 -25.36
C HIS A 587 12.29 -12.46 -24.05
N ILE A 588 11.91 -13.59 -23.45
CA ILE A 588 11.18 -13.61 -22.17
C ILE A 588 12.05 -14.22 -21.08
N GLY A 589 12.09 -13.62 -19.88
CA GLY A 589 12.80 -14.19 -18.71
C GLY A 589 14.20 -13.57 -18.61
N TRP A 590 14.97 -13.94 -17.59
CA TRP A 590 16.21 -13.22 -17.33
C TRP A 590 17.20 -14.10 -16.60
N THR A 591 18.47 -13.84 -16.85
CA THR A 591 19.56 -14.53 -16.17
C THR A 591 19.83 -13.86 -14.84
N THR A 592 20.34 -14.63 -13.90
CA THR A 592 20.62 -14.14 -12.54
C THR A 592 21.51 -12.90 -12.55
N SER A 593 21.07 -11.92 -11.77
CA SER A 593 21.72 -10.66 -11.65
C SER A 593 23.19 -10.76 -11.13
N ASN A 594 24.05 -9.89 -11.63
CA ASN A 594 25.42 -9.74 -11.15
CA ASN A 594 25.40 -9.90 -10.99
C ASN A 594 25.63 -8.56 -10.21
N LYS A 595 24.53 -7.90 -9.83
CA LYS A 595 24.62 -6.61 -9.14
C LYS A 595 24.72 -6.66 -7.63
N CYS A 596 24.75 -7.83 -7.01
CA CYS A 596 24.92 -7.80 -5.55
C CYS A 596 26.03 -8.82 -5.25
N VAL A 597 27.21 -8.33 -4.92
CA VAL A 597 28.41 -9.16 -4.60
C VAL A 597 28.34 -9.74 -3.16
N SER A 598 28.40 -11.06 -3.09
CA SER A 598 28.51 -11.77 -1.80
C SER A 598 30.02 -11.84 -1.56
C1 NAG B . 2.55 -18.90 25.73
C2 NAG B . 1.45 -18.27 26.63
C3 NAG B . 1.82 -18.39 28.13
C4 NAG B . 2.12 -19.84 28.48
C5 NAG B . 3.15 -20.42 27.52
C6 NAG B . 3.45 -21.90 27.77
C7 NAG B . 0.13 -16.38 25.73
C8 NAG B . 0.11 -14.88 25.50
N2 NAG B . 1.22 -16.84 26.31
O3 NAG B . 0.69 -17.97 28.86
O4 NAG B . 2.67 -19.85 29.78
O5 NAG B . 2.72 -20.24 26.17
O6 NAG B . 4.47 -22.22 26.85
O7 NAG B . -0.83 -17.09 25.33
C1 NAG B . 1.92 -20.68 30.68
C2 NAG B . 2.77 -20.90 31.93
C3 NAG B . 2.01 -21.73 32.96
C4 NAG B . 0.66 -21.05 33.22
C5 NAG B . -0.13 -20.82 31.95
C6 NAG B . -1.20 -19.82 32.33
C7 NAG B . 4.51 -22.57 31.23
C8 NAG B . 5.96 -22.76 30.83
N2 NAG B . 4.13 -21.34 31.56
O3 NAG B . 2.75 -21.75 34.16
O4 NAG B . -0.15 -21.97 33.90
O5 NAG B . 0.63 -20.16 30.97
O6 NAG B . -2.20 -20.29 31.54
O7 NAG B . 3.73 -23.54 31.26
C1 BMA B . -0.11 -21.89 35.36
C2 BMA B . -1.42 -22.42 35.94
C3 BMA B . -1.43 -22.30 37.47
C4 BMA B . -0.19 -22.96 38.05
C5 BMA B . 1.06 -22.39 37.34
C6 BMA B . 2.36 -22.90 37.97
O2 BMA B . -1.55 -23.79 35.54
O3 BMA B . -2.58 -22.90 38.07
O4 BMA B . -0.14 -22.66 39.43
O5 BMA B . 0.97 -22.64 35.94
O6 BMA B . 3.44 -23.01 37.06
C1 MAN B . -3.70 -22.02 38.32
C2 MAN B . -4.55 -22.54 39.50
C3 MAN B . -5.29 -23.81 39.08
C4 MAN B . -6.02 -23.62 37.74
C5 MAN B . -5.11 -23.01 36.64
C6 MAN B . -5.79 -22.56 35.36
O2 MAN B . -5.46 -21.54 39.97
O3 MAN B . -6.24 -24.17 40.08
O4 MAN B . -6.60 -24.84 37.31
O5 MAN B . -4.57 -21.83 37.19
O6 MAN B . -7.15 -22.24 35.60
C1 BMA B . -7.96 -21.98 34.44
C2 BMA B . -8.48 -23.33 33.92
C3 BMA B . -9.85 -23.69 34.44
C4 BMA B . -9.83 -23.13 35.86
C5 BMA B . -9.98 -21.59 35.66
C6 BMA B . -9.98 -20.78 36.93
O2 BMA B . -7.73 -24.39 34.39
O3 BMA B . -10.12 -25.06 34.17
O4 BMA B . -10.82 -23.70 36.70
O5 BMA B . -9.03 -21.04 34.71
O6 BMA B . -11.33 -20.47 37.19
C1 MAN B . 4.74 -22.76 37.65
C2 MAN B . 5.34 -21.42 37.06
C3 MAN B . 6.11 -21.53 35.70
C4 MAN B . 6.79 -22.91 35.61
C5 MAN B . 5.75 -23.99 36.01
C6 MAN B . 5.94 -25.42 35.47
O2 MAN B . 6.09 -20.65 38.00
O3 MAN B . 6.97 -20.42 35.33
O4 MAN B . 7.26 -22.98 34.28
O5 MAN B . 5.53 -23.90 37.42
O6 MAN B . 5.45 -26.38 36.40
CAX RX4 C . -2.49 4.34 9.72
CAA RX4 C . -2.49 5.44 10.84
OAE RX4 C . -1.97 3.22 9.95
CBB RX4 C . -2.32 4.52 6.30
OAI RX4 C . -2.15 5.74 6.45
CBF RX4 C . -3.12 3.77 7.37
CAR RX4 C . -4.51 3.46 6.92
CAZ RX4 C . -5.03 2.34 7.85
OAK RX4 C . -4.49 1.20 7.79
OAG RX4 C . -5.90 2.66 8.65
NAU RX4 C . -3.07 4.69 8.57
CAP RX4 C . 0.83 3.03 7.05
CAN RX4 C . 1.04 3.06 8.41
CAM RX4 C . 1.51 4.31 8.91
CAO RX4 C . 1.74 5.44 8.08
CAQ RX4 C . 1.52 5.35 6.69
CBC RX4 C . 1.09 4.14 6.19
CAS RX4 C . 0.73 3.93 4.70
CBG RX4 C . -0.72 4.53 4.51
P1 RX4 C . -1.34 4.38 2.83
O4 RX4 C . -2.69 5.06 2.69
O3 RX4 C . -1.68 2.97 2.42
NAW RX4 C . -1.69 3.83 5.35
CAT RX4 C . -0.13 5.15 1.75
CBD RX4 C . -0.22 4.82 0.26
CAB RX4 C . 0.39 5.97 -0.69
CBA RX4 C . 0.73 3.59 0.02
OAH RX4 C . 1.68 3.38 0.79
N RX4 C . 0.52 2.87 -1.08
CA RX4 C . 1.46 1.72 -1.37
CB RX4 C . 0.96 0.95 -2.60
C RX4 C . 2.85 2.39 -1.69
O RX4 C . 2.87 3.61 -2.08
NAD RX4 C . 3.94 1.68 -1.52
ZN ZN D . -3.48 2.69 2.02
C1 NAG E . -28.86 5.78 0.41
C2 NAG E . -30.00 5.00 -0.20
C3 NAG E . -31.08 4.85 0.89
C4 NAG E . -30.46 4.00 1.99
C5 NAG E . -29.25 4.73 2.53
C6 NAG E . -28.51 3.90 3.57
C7 NAG E . -30.56 5.12 -2.59
C8 NAG E . -30.82 6.03 -3.75
N2 NAG E . -30.33 5.70 -1.43
O3 NAG E . -32.23 4.20 0.42
O4 NAG E . -31.39 3.74 3.02
O5 NAG E . -28.35 5.03 1.48
O6 NAG E . -27.36 4.61 4.02
O7 NAG E . -30.59 3.91 -2.78
C1 NAG F . 6.71 21.72 15.85
C2 NAG F . 5.78 22.93 15.86
C3 NAG F . 6.16 23.99 16.88
C4 NAG F . 6.56 23.38 18.21
C5 NAG F . 7.59 22.28 17.97
C6 NAG F . 8.06 21.67 19.28
C7 NAG F . 4.67 23.69 13.83
C8 NAG F . 4.83 24.38 12.50
N2 NAG F . 5.77 23.57 14.55
O3 NAG F . 5.07 24.87 17.08
O4 NAG F . 7.11 24.37 19.05
O5 NAG F . 6.98 21.29 17.17
O6 NAG F . 8.48 20.35 19.05
O7 NAG F . 3.56 23.28 14.19
#